data_7KMG
#
_entry.id   7KMG
#
_cell.length_a   42.317
_cell.length_b   280.364
_cell.length_c   68.909
_cell.angle_alpha   90.000
_cell.angle_beta   99.620
_cell.angle_gamma   90.000
#
_symmetry.space_group_name_H-M   'P 1 21 1'
#
loop_
_entity.id
_entity.type
_entity.pdbx_description
1 polymer 'LY-CoV555 Fab heavy chain'
2 polymer 'LY-CoV555 Fab light chain'
3 polymer 'Spike protein S1'
4 non-polymer GLYCEROL
5 water water
#
loop_
_entity_poly.entity_id
_entity_poly.type
_entity_poly.pdbx_seq_one_letter_code
_entity_poly.pdbx_strand_id
1 'polypeptide(L)'
;QVQLVQSGAEVKKPGSSVKVSCKASGGTFSNYAISWVRQAPGQGLEWMGRIIPILGIANYAQKFQGRVTITADKSTSTAY
MELSSLRSEDTAVYYCARGYYEARHYYYYYAMDVWGQGTAVTVSSASTKGPSVFPLAPCSRSTSESTAALGCLVKDYFPE
PVTVSWNSGALTSGVHTFPAVLQSSGLYSLSSVVTVPSSSLGTKTYTCNVDHKPSNTKVDKRVHHHHHH
;
A,D
2 'polypeptide(L)'
;DIQMTQSPSSLSASVGDRVTITCRASQSISSYLSWYQQKPGKAPKLLIYAASSLQSGVPSRFSGSGSGTDFTLTITSLQP
EDFATYYCQQSYSTPRTFGQGTKVEIKRTVAAPSVFIFPPSDEQLKSGTASVVCLLNNFYPREAKVQWKVDNALQSGNSQ
ESVTEQDSKDSTYSLSSTLTLSKADYEKHKVYACEVTQGTTSVTKSFNRGEC
;
B,E
3 'polypeptide(L)'
;FPNITNLCPFGEVFNATRFASVYAWNRKRISNCVADYSVLYNSASFSTFKCYGVSPTKLNDLCFTNVYADSFVIRGDEVR
QIAPGQTGKIADYNYKLPDDFTGCVIAWNSNNLDSKVGGNYNYLYRLFRKSNLKPFERDISTEIYQAGSTPCNGVEGFNC
YFPLQSYGFQPTNGVGYQPYRVVVLSFELLHAPATVCGPHHHHHH
;
C,F
#
# COMPACT_ATOMS: atom_id res chain seq x y z
N GLN A 1 -12.13 2.29 -28.08
CA GLN A 1 -13.41 2.03 -28.80
C GLN A 1 -13.61 0.52 -28.95
N VAL A 2 -13.74 -0.16 -27.80
CA VAL A 2 -13.98 -1.59 -27.74
C VAL A 2 -15.48 -1.83 -27.94
N GLN A 3 -15.81 -2.66 -28.94
CA GLN A 3 -17.16 -3.12 -29.16
C GLN A 3 -17.26 -4.59 -28.75
N LEU A 4 -18.48 -5.02 -28.41
CA LEU A 4 -18.79 -6.41 -28.13
C LEU A 4 -19.82 -6.85 -29.17
N VAL A 5 -19.44 -7.84 -29.98
CA VAL A 5 -20.22 -8.27 -31.13
C VAL A 5 -20.80 -9.64 -30.83
N GLN A 6 -22.14 -9.72 -30.87
CA GLN A 6 -22.87 -10.93 -30.52
C GLN A 6 -23.30 -11.66 -31.79
N SER A 7 -23.55 -12.97 -31.64
CA SER A 7 -24.06 -13.83 -32.70
C SER A 7 -25.51 -13.49 -33.05
N GLY A 8 -25.99 -14.04 -34.17
CA GLY A 8 -27.27 -13.70 -34.78
C GLY A 8 -28.47 -14.27 -34.02
N ALA A 9 -29.66 -13.90 -34.50
CA ALA A 9 -30.93 -14.30 -33.93
C ALA A 9 -31.12 -15.82 -34.04
N GLU A 10 -31.82 -16.39 -33.06
CA GLU A 10 -31.99 -17.83 -32.92
C GLU A 10 -33.45 -18.15 -32.62
N VAL A 11 -33.95 -19.21 -33.28
CA VAL A 11 -35.24 -19.81 -32.99
C VAL A 11 -34.99 -21.22 -32.46
N LYS A 12 -35.69 -21.58 -31.36
CA LYS A 12 -35.39 -22.81 -30.65
C LYS A 12 -36.68 -23.44 -30.13
N LYS A 13 -36.71 -24.77 -30.10
CA LYS A 13 -37.86 -25.53 -29.62
C LYS A 13 -37.79 -25.62 -28.10
N PRO A 14 -38.94 -25.77 -27.40
CA PRO A 14 -38.93 -25.99 -25.95
C PRO A 14 -38.12 -27.25 -25.62
N GLY A 15 -37.29 -27.15 -24.57
CA GLY A 15 -36.50 -28.28 -24.10
C GLY A 15 -35.09 -28.31 -24.66
N SER A 16 -34.84 -27.59 -25.76
CA SER A 16 -33.52 -27.51 -26.35
C SER A 16 -32.62 -26.53 -25.59
N SER A 17 -31.43 -26.27 -26.15
CA SER A 17 -30.47 -25.34 -25.58
C SER A 17 -30.01 -24.35 -26.66
N VAL A 18 -29.67 -23.13 -26.23
CA VAL A 18 -29.09 -22.13 -27.12
C VAL A 18 -27.71 -21.76 -26.58
N LYS A 19 -26.79 -21.42 -27.48
CA LYS A 19 -25.47 -20.93 -27.15
C LYS A 19 -25.21 -19.65 -27.94
N VAL A 20 -25.00 -18.56 -27.20
CA VAL A 20 -24.83 -17.22 -27.78
C VAL A 20 -23.39 -16.77 -27.53
N SER A 21 -22.80 -16.15 -28.57
CA SER A 21 -21.41 -15.71 -28.50
C SER A 21 -21.34 -14.20 -28.37
N CYS A 22 -20.20 -13.74 -27.85
CA CYS A 22 -19.94 -12.34 -27.55
C CYS A 22 -18.44 -12.12 -27.76
N LYS A 23 -18.10 -11.40 -28.84
CA LYS A 23 -16.71 -11.24 -29.25
C LYS A 23 -16.27 -9.79 -29.07
N ALA A 24 -15.17 -9.62 -28.31
CA ALA A 24 -14.48 -8.35 -28.19
C ALA A 24 -13.75 -8.04 -29.48
N SER A 25 -13.96 -6.82 -30.00
CA SER A 25 -13.34 -6.33 -31.22
C SER A 25 -12.96 -4.87 -31.04
N GLY A 26 -11.83 -4.47 -31.64
CA GLY A 26 -11.17 -3.22 -31.32
C GLY A 26 -10.58 -3.28 -29.91
N GLY A 27 -10.16 -4.48 -29.52
CA GLY A 27 -9.62 -4.79 -28.20
C GLY A 27 -9.61 -6.28 -27.92
N THR A 28 -8.89 -6.67 -26.86
CA THR A 28 -8.88 -8.02 -26.33
C THR A 28 -8.98 -7.96 -24.82
N PHE A 29 -10.21 -7.77 -24.33
CA PHE A 29 -10.48 -7.40 -22.94
C PHE A 29 -10.16 -8.56 -22.01
N SER A 30 -9.24 -8.31 -21.07
CA SER A 30 -8.73 -9.31 -20.15
C SER A 30 -8.67 -8.75 -18.72
N ASN A 31 -9.00 -7.46 -18.58
CA ASN A 31 -9.03 -6.76 -17.31
C ASN A 31 -10.45 -6.76 -16.74
N TYR A 32 -11.39 -7.35 -17.48
CA TYR A 32 -12.82 -7.09 -17.29
C TYR A 32 -13.60 -8.38 -17.07
N ALA A 33 -14.70 -8.27 -16.31
CA ALA A 33 -15.73 -9.30 -16.21
C ALA A 33 -16.69 -9.16 -17.39
N ILE A 34 -17.29 -10.28 -17.80
CA ILE A 34 -18.34 -10.30 -18.82
C ILE A 34 -19.63 -10.80 -18.18
N SER A 35 -20.62 -9.90 -18.07
CA SER A 35 -21.94 -10.21 -17.55
C SER A 35 -22.91 -10.52 -18.70
N TRP A 36 -23.95 -11.31 -18.38
CA TRP A 36 -25.06 -11.54 -19.29
C TRP A 36 -26.36 -11.04 -18.66
N VAL A 37 -27.09 -10.21 -19.42
CA VAL A 37 -28.35 -9.61 -19.02
C VAL A 37 -29.38 -9.96 -20.11
N ARG A 38 -30.61 -10.30 -19.69
CA ARG A 38 -31.65 -10.61 -20.66
C ARG A 38 -32.86 -9.69 -20.46
N GLN A 39 -33.64 -9.53 -21.53
CA GLN A 39 -34.81 -8.67 -21.56
C GLN A 39 -35.91 -9.37 -22.37
N ALA A 40 -36.94 -9.86 -21.68
CA ALA A 40 -38.12 -10.42 -22.31
C ALA A 40 -38.92 -9.31 -23.01
N PRO A 41 -39.67 -9.61 -24.09
CA PRO A 41 -40.41 -8.58 -24.83
C PRO A 41 -41.34 -7.77 -23.93
N GLY A 42 -41.19 -6.44 -24.00
CA GLY A 42 -42.00 -5.50 -23.25
C GLY A 42 -41.60 -5.35 -21.78
N GLN A 43 -40.56 -6.08 -21.34
CA GLN A 43 -40.27 -6.21 -19.92
C GLN A 43 -38.93 -5.55 -19.57
N GLY A 44 -38.53 -5.68 -18.30
CA GLY A 44 -37.31 -5.07 -17.77
C GLY A 44 -36.06 -5.90 -18.04
N LEU A 45 -34.95 -5.51 -17.38
CA LEU A 45 -33.67 -6.17 -17.52
C LEU A 45 -33.45 -7.12 -16.35
N GLU A 46 -32.73 -8.22 -16.61
CA GLU A 46 -32.50 -9.26 -15.63
C GLU A 46 -31.07 -9.79 -15.79
N TRP A 47 -30.27 -9.62 -14.72
CA TRP A 47 -28.90 -10.09 -14.66
C TRP A 47 -28.91 -11.60 -14.45
N MET A 48 -28.11 -12.30 -15.28
CA MET A 48 -28.09 -13.75 -15.33
C MET A 48 -26.85 -14.29 -14.62
N GLY A 49 -25.71 -13.63 -14.84
CA GLY A 49 -24.44 -14.04 -14.27
C GLY A 49 -23.26 -13.35 -14.94
N ARG A 50 -22.05 -13.69 -14.49
CA ARG A 50 -20.83 -13.11 -15.03
C ARG A 50 -19.71 -14.15 -15.06
N ILE A 51 -18.79 -13.94 -16.01
CA ILE A 51 -17.53 -14.67 -16.06
C ILE A 51 -16.38 -13.70 -15.86
N ILE A 52 -15.36 -14.19 -15.14
CA ILE A 52 -14.04 -13.58 -15.07
C ILE A 52 -13.14 -14.39 -16.02
N PRO A 53 -12.96 -13.91 -17.28
CA PRO A 53 -12.27 -14.66 -18.34
C PRO A 53 -10.88 -15.19 -17.98
N ILE A 54 -10.07 -14.34 -17.32
CA ILE A 54 -8.67 -14.61 -17.01
C ILE A 54 -8.54 -15.97 -16.32
N LEU A 55 -9.45 -16.23 -15.37
CA LEU A 55 -9.39 -17.45 -14.57
C LEU A 55 -10.56 -18.38 -14.88
N GLY A 56 -11.42 -17.99 -15.84
CA GLY A 56 -12.59 -18.76 -16.23
C GLY A 56 -13.56 -19.02 -15.07
N ILE A 57 -13.71 -18.02 -14.18
CA ILE A 57 -14.60 -18.13 -13.03
C ILE A 57 -15.98 -17.58 -13.41
N ALA A 58 -17.00 -18.43 -13.28
CA ALA A 58 -18.36 -18.06 -13.66
C ALA A 58 -19.30 -18.35 -12.51
N ASN A 59 -20.22 -17.41 -12.27
CA ASN A 59 -21.25 -17.50 -11.24
C ASN A 59 -22.56 -16.94 -11.80
N TYR A 60 -23.68 -17.44 -11.28
CA TYR A 60 -24.98 -17.20 -11.87
C TYR A 60 -26.00 -16.84 -10.79
N ALA A 61 -26.99 -16.02 -11.16
CA ALA A 61 -28.14 -15.76 -10.33
C ALA A 61 -28.84 -17.09 -10.00
N GLN A 62 -29.36 -17.17 -8.78
CA GLN A 62 -30.01 -18.35 -8.24
C GLN A 62 -31.02 -18.89 -9.25
N LYS A 63 -31.74 -17.96 -9.89
CA LYS A 63 -32.84 -18.23 -10.80
C LYS A 63 -32.40 -19.13 -11.96
N PHE A 64 -31.13 -18.98 -12.38
CA PHE A 64 -30.65 -19.62 -13.60
C PHE A 64 -29.67 -20.75 -13.29
N GLN A 65 -29.26 -20.89 -12.02
CA GLN A 65 -28.31 -21.93 -11.65
C GLN A 65 -28.92 -23.29 -11.99
N GLY A 66 -28.13 -24.10 -12.70
CA GLY A 66 -28.54 -25.43 -13.12
C GLY A 66 -28.83 -25.51 -14.61
N ARG A 67 -29.13 -24.35 -15.23
CA ARG A 67 -29.58 -24.29 -16.63
C ARG A 67 -28.63 -23.45 -17.47
N VAL A 68 -27.85 -22.58 -16.84
CA VAL A 68 -27.02 -21.63 -17.56
C VAL A 68 -25.54 -21.99 -17.37
N THR A 69 -24.74 -21.73 -18.42
CA THR A 69 -23.30 -21.89 -18.41
C THR A 69 -22.68 -20.72 -19.17
N ILE A 70 -21.75 -20.01 -18.52
CA ILE A 70 -20.97 -18.99 -19.19
C ILE A 70 -19.52 -19.46 -19.27
N THR A 71 -18.95 -19.40 -20.48
CA THR A 71 -17.56 -19.75 -20.76
C THR A 71 -16.88 -18.61 -21.49
N ALA A 72 -15.55 -18.65 -21.52
CA ALA A 72 -14.75 -17.68 -22.24
C ALA A 72 -13.53 -18.37 -22.85
N ASP A 73 -13.30 -18.12 -24.13
CA ASP A 73 -12.10 -18.53 -24.84
C ASP A 73 -11.13 -17.35 -24.84
N LYS A 74 -9.97 -17.56 -24.20
CA LYS A 74 -9.02 -16.51 -23.86
CA LYS A 74 -9.02 -16.52 -23.86
C LYS A 74 -8.28 -16.03 -25.11
N SER A 75 -8.08 -16.95 -26.07
CA SER A 75 -7.32 -16.65 -27.28
C SER A 75 -8.14 -15.82 -28.27
N THR A 76 -9.44 -16.10 -28.38
CA THR A 76 -10.31 -15.43 -29.35
C THR A 76 -10.93 -14.16 -28.77
N SER A 77 -10.85 -13.99 -27.44
CA SER A 77 -11.59 -13.01 -26.67
C SER A 77 -13.09 -13.13 -26.98
N THR A 78 -13.59 -14.35 -26.84
CA THR A 78 -14.99 -14.66 -27.06
C THR A 78 -15.55 -15.27 -25.78
N ALA A 79 -16.71 -14.74 -25.35
CA ALA A 79 -17.47 -15.29 -24.25
C ALA A 79 -18.74 -15.92 -24.79
N TYR A 80 -19.21 -16.96 -24.10
CA TYR A 80 -20.37 -17.72 -24.52
C TYR A 80 -21.33 -17.86 -23.34
N MET A 81 -22.62 -17.74 -23.64
CA MET A 81 -23.71 -18.02 -22.72
C MET A 81 -24.56 -19.12 -23.34
N GLU A 82 -24.64 -20.24 -22.62
CA GLU A 82 -25.47 -21.37 -23.01
C GLU A 82 -26.58 -21.52 -21.98
N LEU A 83 -27.83 -21.55 -22.47
CA LEU A 83 -28.98 -21.78 -21.63
C LEU A 83 -29.73 -23.00 -22.16
N SER A 84 -30.12 -23.87 -21.23
CA SER A 84 -30.65 -25.19 -21.55
C SER A 84 -32.04 -25.35 -20.94
N SER A 85 -32.74 -26.43 -21.34
CA SER A 85 -34.12 -26.70 -20.97
C SER A 85 -34.99 -25.49 -21.31
N LEU A 86 -34.78 -24.92 -22.50
CA LEU A 86 -35.43 -23.69 -22.92
C LEU A 86 -36.95 -23.85 -22.83
N ARG A 87 -37.59 -22.76 -22.40
CA ARG A 87 -39.01 -22.64 -22.23
C ARG A 87 -39.43 -21.36 -22.97
N SER A 88 -40.72 -21.25 -23.30
CA SER A 88 -41.20 -20.11 -24.07
C SER A 88 -40.93 -18.80 -23.32
N GLU A 89 -40.91 -18.87 -21.98
CA GLU A 89 -40.59 -17.76 -21.08
C GLU A 89 -39.13 -17.32 -21.22
N ASP A 90 -38.31 -18.11 -21.91
CA ASP A 90 -36.92 -17.77 -22.15
C ASP A 90 -36.78 -16.93 -23.42
N THR A 91 -37.90 -16.67 -24.11
CA THR A 91 -37.92 -15.75 -25.25
C THR A 91 -37.54 -14.36 -24.74
N ALA A 92 -36.41 -13.84 -25.24
CA ALA A 92 -35.85 -12.59 -24.76
C ALA A 92 -34.75 -12.14 -25.71
N VAL A 93 -34.32 -10.89 -25.54
CA VAL A 93 -33.06 -10.42 -26.10
C VAL A 93 -32.00 -10.58 -25.02
N TYR A 94 -30.88 -11.25 -25.39
CA TYR A 94 -29.78 -11.52 -24.48
C TYR A 94 -28.62 -10.59 -24.77
N TYR A 95 -28.14 -9.91 -23.72
CA TYR A 95 -27.03 -8.99 -23.79
C TYR A 95 -25.83 -9.53 -23.03
N CYS A 96 -24.66 -9.45 -23.66
CA CYS A 96 -23.41 -9.45 -22.93
C CYS A 96 -22.97 -8.01 -22.68
N ALA A 97 -22.27 -7.80 -21.56
CA ALA A 97 -21.75 -6.50 -21.16
C ALA A 97 -20.44 -6.69 -20.39
N ARG A 98 -19.48 -5.81 -20.68
CA ARG A 98 -18.19 -5.76 -20.02
C ARG A 98 -18.30 -4.87 -18.78
N GLY A 99 -17.78 -5.37 -17.65
CA GLY A 99 -17.66 -4.58 -16.43
C GLY A 99 -16.42 -4.94 -15.62
N TYR A 100 -16.35 -4.39 -14.40
CA TYR A 100 -15.15 -4.44 -13.57
C TYR A 100 -15.36 -5.45 -12.42
N TYR A 101 -14.25 -5.94 -11.87
CA TYR A 101 -14.27 -6.88 -10.75
C TYR A 101 -13.11 -6.63 -9.78
N GLU A 102 -12.06 -5.94 -10.24
CA GLU A 102 -10.80 -5.79 -9.51
C GLU A 102 -10.86 -4.61 -8.56
N ALA A 103 -10.09 -4.72 -7.46
CA ALA A 103 -10.06 -3.69 -6.42
C ALA A 103 -9.56 -2.36 -6.98
N ARG A 104 -8.65 -2.41 -7.96
CA ARG A 104 -8.15 -1.21 -8.62
C ARG A 104 -9.30 -0.35 -9.16
N HIS A 105 -10.32 -1.01 -9.73
CA HIS A 105 -11.43 -0.32 -10.38
C HIS A 105 -12.68 -0.31 -9.49
N TYR A 106 -12.49 -0.38 -8.16
CA TYR A 106 -13.56 -0.44 -7.17
C TYR A 106 -14.57 0.68 -7.39
N TYR A 107 -14.10 1.83 -7.87
CA TYR A 107 -14.86 3.07 -7.94
C TYR A 107 -15.92 3.02 -9.04
N TYR A 108 -15.95 1.93 -9.80
CA TYR A 108 -17.02 1.69 -10.76
C TYR A 108 -18.18 0.96 -10.10
N TYR A 109 -17.89 0.30 -8.97
CA TYR A 109 -18.79 -0.60 -8.26
C TYR A 109 -19.52 -1.53 -9.23
N TYR A 110 -18.73 -2.19 -10.10
CA TYR A 110 -19.13 -3.32 -10.93
C TYR A 110 -20.15 -2.91 -12.01
N ALA A 111 -20.21 -1.61 -12.32
CA ALA A 111 -21.08 -1.10 -13.39
C ALA A 111 -20.64 -1.71 -14.72
N MET A 112 -21.59 -1.79 -15.66
CA MET A 112 -21.32 -2.38 -16.96
C MET A 112 -21.29 -1.28 -18.02
N ASP A 113 -20.11 -1.08 -18.61
CA ASP A 113 -19.81 0.16 -19.32
C ASP A 113 -19.93 -0.02 -20.83
N VAL A 114 -19.71 -1.24 -21.34
CA VAL A 114 -19.86 -1.51 -22.76
C VAL A 114 -20.78 -2.72 -22.92
N TRP A 115 -21.77 -2.59 -23.81
CA TRP A 115 -22.78 -3.59 -24.07
C TRP A 115 -22.70 -4.07 -25.51
N GLY A 116 -22.88 -5.38 -25.70
CA GLY A 116 -23.14 -5.96 -27.01
C GLY A 116 -24.46 -5.46 -27.57
N GLN A 117 -24.74 -5.80 -28.84
CA GLN A 117 -25.91 -5.25 -29.52
C GLN A 117 -27.15 -6.06 -29.16
N GLY A 118 -26.95 -7.27 -28.61
CA GLY A 118 -28.04 -8.14 -28.18
C GLY A 118 -28.30 -9.27 -29.17
N THR A 119 -28.89 -10.35 -28.66
CA THR A 119 -29.26 -11.51 -29.45
C THR A 119 -30.70 -11.88 -29.13
N ALA A 120 -31.56 -11.80 -30.15
CA ALA A 120 -32.94 -12.22 -30.03
C ALA A 120 -33.01 -13.75 -30.06
N VAL A 121 -33.53 -14.32 -28.98
CA VAL A 121 -33.77 -15.75 -28.91
C VAL A 121 -35.29 -15.95 -28.81
N THR A 122 -35.83 -16.75 -29.73
CA THR A 122 -37.24 -17.10 -29.76
C THR A 122 -37.40 -18.58 -29.43
N VAL A 123 -38.19 -18.88 -28.38
CA VAL A 123 -38.45 -20.25 -27.98
C VAL A 123 -39.93 -20.57 -28.19
N SER A 124 -40.20 -21.55 -29.06
CA SER A 124 -41.54 -21.86 -29.53
C SER A 124 -41.53 -23.22 -30.24
N SER A 125 -42.67 -23.91 -30.20
CA SER A 125 -42.79 -25.18 -30.90
C SER A 125 -43.33 -24.99 -32.32
N ALA A 126 -43.58 -23.74 -32.71
CA ALA A 126 -44.16 -23.41 -34.01
C ALA A 126 -43.13 -23.59 -35.13
N SER A 127 -43.62 -23.90 -36.33
CA SER A 127 -42.81 -23.98 -37.55
C SER A 127 -42.87 -22.64 -38.28
N THR A 128 -41.80 -22.34 -39.03
CA THR A 128 -41.77 -21.23 -39.97
C THR A 128 -43.05 -21.27 -40.81
N LYS A 129 -43.69 -20.10 -40.93
CA LYS A 129 -44.92 -19.96 -41.70
C LYS A 129 -45.01 -18.52 -42.22
N GLY A 130 -45.23 -18.39 -43.52
CA GLY A 130 -45.49 -17.11 -44.16
C GLY A 130 -46.86 -16.56 -43.75
N PRO A 131 -47.06 -15.22 -43.77
CA PRO A 131 -48.31 -14.62 -43.33
C PRO A 131 -49.42 -14.66 -44.38
N SER A 132 -50.67 -14.76 -43.91
CA SER A 132 -51.84 -14.39 -44.71
C SER A 132 -52.10 -12.89 -44.50
N VAL A 133 -52.39 -12.18 -45.60
CA VAL A 133 -52.63 -10.73 -45.55
C VAL A 133 -54.07 -10.45 -45.99
N PHE A 134 -54.86 -9.85 -45.09
CA PHE A 134 -56.27 -9.60 -45.34
C PHE A 134 -56.53 -8.10 -45.34
N PRO A 135 -57.46 -7.58 -46.19
CA PRO A 135 -57.81 -6.16 -46.19
C PRO A 135 -58.55 -5.74 -44.92
N LEU A 136 -58.24 -4.52 -44.46
CA LEU A 136 -59.01 -3.81 -43.46
C LEU A 136 -59.73 -2.66 -44.17
N ALA A 137 -61.06 -2.78 -44.26
CA ALA A 137 -61.89 -1.82 -44.95
C ALA A 137 -63.19 -1.62 -44.15
N PRO A 138 -63.66 -0.37 -43.96
CA PRO A 138 -64.85 -0.13 -43.16
C PRO A 138 -66.11 -0.70 -43.79
N CYS A 139 -67.14 -0.91 -42.96
CA CYS A 139 -68.49 -1.18 -43.43
C CYS A 139 -69.15 0.17 -43.71
N SER A 140 -68.94 0.70 -44.93
CA SER A 140 -69.28 2.06 -45.30
C SER A 140 -70.80 2.20 -45.51
N SER A 144 -70.39 9.43 -46.06
CA SER A 144 -69.06 9.06 -45.60
C SER A 144 -68.43 10.22 -44.83
N GLU A 145 -67.48 9.89 -43.93
CA GLU A 145 -66.72 10.85 -43.15
C GLU A 145 -65.75 11.64 -44.04
N SER A 146 -65.03 12.58 -43.43
CA SER A 146 -63.99 13.35 -44.11
C SER A 146 -62.72 12.53 -44.22
N THR A 147 -62.45 11.70 -43.20
CA THR A 147 -61.29 10.84 -43.13
C THR A 147 -61.72 9.38 -43.25
N ALA A 148 -61.02 8.64 -44.12
CA ALA A 148 -61.13 7.19 -44.21
C ALA A 148 -59.88 6.53 -43.67
N ALA A 149 -60.05 5.33 -43.12
CA ALA A 149 -58.93 4.46 -42.77
C ALA A 149 -59.02 3.16 -43.56
N LEU A 150 -57.87 2.73 -44.08
CA LEU A 150 -57.69 1.43 -44.71
C LEU A 150 -56.47 0.77 -44.07
N GLY A 151 -56.36 -0.55 -44.22
CA GLY A 151 -55.14 -1.20 -43.80
C GLY A 151 -55.05 -2.65 -44.27
N CYS A 152 -54.12 -3.37 -43.65
CA CYS A 152 -53.94 -4.80 -43.87
CA CYS A 152 -54.05 -4.81 -43.84
C CYS A 152 -53.72 -5.50 -42.52
N LEU A 153 -54.35 -6.65 -42.34
CA LEU A 153 -54.09 -7.52 -41.22
C LEU A 153 -53.11 -8.58 -41.73
N VAL A 154 -51.92 -8.63 -41.11
CA VAL A 154 -50.88 -9.59 -41.40
C VAL A 154 -50.93 -10.65 -40.30
N LYS A 155 -51.58 -11.78 -40.62
CA LYS A 155 -51.94 -12.80 -39.65
C LYS A 155 -51.17 -14.09 -39.87
N ASP A 156 -50.86 -14.79 -38.77
CA ASP A 156 -50.48 -16.19 -38.74
C ASP A 156 -49.11 -16.42 -39.36
N TYR A 157 -48.10 -15.72 -38.84
CA TYR A 157 -46.75 -15.88 -39.32
C TYR A 157 -45.82 -16.21 -38.14
N PHE A 158 -44.72 -16.87 -38.48
CA PHE A 158 -43.66 -17.24 -37.56
C PHE A 158 -42.38 -17.41 -38.37
N PRO A 159 -41.24 -16.96 -37.81
CA PRO A 159 -41.16 -16.12 -36.61
C PRO A 159 -41.21 -14.64 -37.00
N GLU A 160 -40.97 -13.76 -36.03
CA GLU A 160 -40.72 -12.35 -36.30
C GLU A 160 -39.40 -12.21 -37.08
N PRO A 161 -39.25 -11.15 -37.89
CA PRO A 161 -40.20 -10.06 -38.06
C PRO A 161 -40.86 -10.02 -39.43
N VAL A 162 -41.89 -9.18 -39.56
CA VAL A 162 -42.36 -8.72 -40.87
C VAL A 162 -42.13 -7.21 -40.98
N THR A 163 -41.84 -6.75 -42.20
CA THR A 163 -41.84 -5.33 -42.53
C THR A 163 -43.02 -5.03 -43.44
N VAL A 164 -43.56 -3.82 -43.33
CA VAL A 164 -44.71 -3.39 -44.11
C VAL A 164 -44.41 -2.02 -44.71
N SER A 165 -44.75 -1.88 -46.00
CA SER A 165 -44.73 -0.59 -46.67
C SER A 165 -46.05 -0.40 -47.42
N TRP A 166 -46.27 0.82 -47.92
CA TRP A 166 -47.46 1.13 -48.69
C TRP A 166 -47.04 1.79 -50.00
N ASN A 167 -47.59 1.30 -51.12
CA ASN A 167 -47.35 1.82 -52.45
C ASN A 167 -45.84 1.83 -52.72
N SER A 168 -45.19 0.71 -52.36
CA SER A 168 -43.75 0.48 -52.46
C SER A 168 -42.95 1.63 -51.86
N GLY A 169 -43.43 2.16 -50.72
CA GLY A 169 -42.71 3.14 -49.94
C GLY A 169 -43.00 4.60 -50.34
N ALA A 170 -43.97 4.79 -51.24
CA ALA A 170 -44.33 6.10 -51.74
C ALA A 170 -45.42 6.74 -50.87
N LEU A 171 -46.11 5.93 -50.06
CA LEU A 171 -47.09 6.44 -49.11
C LEU A 171 -46.61 6.12 -47.70
N THR A 172 -46.27 7.18 -46.94
CA THR A 172 -45.67 7.08 -45.63
C THR A 172 -46.43 7.86 -44.57
N SER A 173 -47.01 9.00 -44.96
CA SER A 173 -47.71 9.84 -43.99
C SER A 173 -49.10 9.28 -43.75
N GLY A 174 -49.55 9.34 -42.49
CA GLY A 174 -50.79 8.74 -42.05
C GLY A 174 -50.69 7.22 -41.82
N VAL A 175 -49.48 6.66 -41.97
CA VAL A 175 -49.24 5.22 -41.83
C VAL A 175 -48.93 4.90 -40.38
N HIS A 176 -49.62 3.90 -39.83
CA HIS A 176 -49.26 3.30 -38.56
C HIS A 176 -49.12 1.79 -38.74
N THR A 177 -47.93 1.28 -38.43
CA THR A 177 -47.67 -0.16 -38.39
C THR A 177 -47.42 -0.57 -36.95
N PHE A 178 -48.26 -1.47 -36.45
CA PHE A 178 -48.35 -1.76 -35.03
C PHE A 178 -47.39 -2.88 -34.68
N PRO A 179 -46.89 -2.95 -33.41
CA PRO A 179 -46.13 -4.12 -32.97
C PRO A 179 -47.01 -5.36 -33.14
N ALA A 180 -46.38 -6.47 -33.57
CA ALA A 180 -47.01 -7.77 -33.62
C ALA A 180 -47.47 -8.16 -32.22
N VAL A 181 -48.55 -8.94 -32.16
CA VAL A 181 -48.91 -9.66 -30.94
C VAL A 181 -48.74 -11.16 -31.18
N LEU A 182 -48.38 -11.88 -30.13
CA LEU A 182 -48.26 -13.33 -30.22
C LEU A 182 -49.60 -13.94 -29.83
N GLN A 183 -50.20 -14.66 -30.78
CA GLN A 183 -51.50 -15.30 -30.56
C GLN A 183 -51.31 -16.59 -29.75
N SER A 184 -52.43 -17.12 -29.25
CA SER A 184 -52.52 -18.33 -28.45
C SER A 184 -51.99 -19.54 -29.23
N SER A 185 -52.13 -19.49 -30.57
CA SER A 185 -51.69 -20.53 -31.48
C SER A 185 -50.16 -20.61 -31.56
N GLY A 186 -49.48 -19.58 -31.05
CA GLY A 186 -48.03 -19.47 -31.17
C GLY A 186 -47.61 -18.76 -32.45
N LEU A 187 -48.59 -18.28 -33.24
CA LEU A 187 -48.32 -17.52 -34.45
C LEU A 187 -48.52 -16.03 -34.18
N TYR A 188 -47.82 -15.19 -34.95
CA TYR A 188 -47.87 -13.75 -34.76
C TYR A 188 -48.92 -13.12 -35.66
N SER A 189 -49.34 -11.89 -35.29
CA SER A 189 -50.30 -11.11 -36.05
C SER A 189 -50.05 -9.62 -35.85
N LEU A 190 -49.92 -8.87 -36.96
CA LEU A 190 -49.94 -7.42 -36.86
C LEU A 190 -50.89 -6.78 -37.86
N SER A 191 -51.20 -5.50 -37.55
CA SER A 191 -52.00 -4.63 -38.40
CA SER A 191 -51.98 -4.66 -38.45
C SER A 191 -51.12 -3.47 -38.86
N SER A 192 -51.42 -2.96 -40.05
CA SER A 192 -50.83 -1.73 -40.56
C SER A 192 -51.96 -0.96 -41.22
N VAL A 193 -52.11 0.31 -40.85
CA VAL A 193 -53.22 1.13 -41.30
C VAL A 193 -52.70 2.41 -41.91
N VAL A 194 -53.54 3.06 -42.72
CA VAL A 194 -53.29 4.41 -43.20
C VAL A 194 -54.61 5.18 -43.17
N THR A 195 -54.51 6.50 -42.92
CA THR A 195 -55.66 7.38 -43.00
C THR A 195 -55.48 8.34 -44.17
N VAL A 196 -56.58 8.57 -44.91
CA VAL A 196 -56.61 9.35 -46.13
C VAL A 196 -57.90 10.18 -46.16
N PRO A 197 -57.98 11.28 -46.96
CA PRO A 197 -59.26 11.93 -47.25
C PRO A 197 -60.17 11.02 -48.06
N SER A 198 -61.48 11.10 -47.82
CA SER A 198 -62.49 10.26 -48.46
C SER A 198 -62.61 10.58 -49.94
N SER A 199 -62.25 11.81 -50.31
CA SER A 199 -62.31 12.31 -51.69
C SER A 199 -61.36 11.52 -52.60
N SER A 200 -60.17 11.19 -52.07
CA SER A 200 -59.08 10.63 -52.84
C SER A 200 -59.22 9.12 -53.06
N LEU A 201 -60.21 8.52 -52.38
CA LEU A 201 -60.54 7.09 -52.50
C LEU A 201 -61.00 6.75 -53.91
N GLY A 202 -61.34 7.78 -54.70
CA GLY A 202 -61.88 7.64 -56.04
C GLY A 202 -60.90 7.00 -57.01
N THR A 203 -59.80 7.71 -57.29
CA THR A 203 -58.83 7.29 -58.29
C THR A 203 -57.76 6.40 -57.66
N LYS A 204 -57.28 6.80 -56.47
CA LYS A 204 -56.09 6.26 -55.84
C LYS A 204 -56.30 4.82 -55.38
N THR A 205 -55.22 4.04 -55.50
CA THR A 205 -55.17 2.65 -55.07
C THR A 205 -54.22 2.53 -53.89
N TYR A 206 -54.47 1.55 -53.01
CA TYR A 206 -53.64 1.35 -51.83
C TYR A 206 -53.25 -0.11 -51.70
N THR A 207 -51.94 -0.33 -51.70
CA THR A 207 -51.34 -1.65 -51.70
C THR A 207 -50.38 -1.72 -50.52
N CYS A 208 -50.57 -2.73 -49.66
CA CYS A 208 -49.61 -2.96 -48.61
C CYS A 208 -48.65 -4.07 -49.03
N ASN A 209 -47.37 -3.82 -48.80
CA ASN A 209 -46.28 -4.69 -49.21
C ASN A 209 -45.68 -5.26 -47.94
N VAL A 210 -45.83 -6.57 -47.77
CA VAL A 210 -45.46 -7.30 -46.56
C VAL A 210 -44.27 -8.20 -46.91
N ASP A 211 -43.20 -8.08 -46.12
CA ASP A 211 -41.99 -8.85 -46.33
C ASP A 211 -41.74 -9.74 -45.11
N HIS A 212 -41.69 -11.06 -45.35
CA HIS A 212 -41.36 -12.01 -44.30
C HIS A 212 -40.10 -12.80 -44.70
N LYS A 213 -38.93 -12.21 -44.40
CA LYS A 213 -37.64 -12.77 -44.75
C LYS A 213 -37.47 -14.19 -44.21
N PRO A 214 -37.85 -14.54 -42.96
CA PRO A 214 -37.65 -15.90 -42.44
C PRO A 214 -38.28 -17.02 -43.26
N SER A 215 -39.30 -16.69 -44.07
CA SER A 215 -39.93 -17.70 -44.91
C SER A 215 -39.70 -17.39 -46.39
N ASN A 216 -38.92 -16.34 -46.67
CA ASN A 216 -38.62 -15.91 -48.05
C ASN A 216 -39.91 -15.63 -48.81
N THR A 217 -40.89 -15.01 -48.13
CA THR A 217 -42.19 -14.70 -48.70
C THR A 217 -42.40 -13.19 -48.70
N LYS A 218 -42.92 -12.67 -49.83
CA LYS A 218 -43.41 -11.32 -49.93
C LYS A 218 -44.85 -11.37 -50.41
N VAL A 219 -45.72 -10.57 -49.79
CA VAL A 219 -47.13 -10.50 -50.16
C VAL A 219 -47.49 -9.03 -50.39
N ASP A 220 -48.09 -8.78 -51.57
CA ASP A 220 -48.64 -7.48 -51.93
C ASP A 220 -50.16 -7.63 -51.99
N LYS A 221 -50.86 -6.71 -51.31
CA LYS A 221 -52.30 -6.81 -51.17
C LYS A 221 -52.94 -5.45 -51.48
N ARG A 222 -53.71 -5.42 -52.57
CA ARG A 222 -54.50 -4.24 -52.94
C ARG A 222 -55.72 -4.18 -52.03
N VAL A 223 -55.84 -3.05 -51.33
CA VAL A 223 -56.93 -2.82 -50.39
C VAL A 223 -58.07 -2.09 -51.10
N HIS A 224 -59.22 -2.77 -51.19
CA HIS A 224 -60.44 -2.23 -51.76
C HIS A 224 -60.95 -1.09 -50.86
N HIS A 225 -61.49 -0.03 -51.49
CA HIS A 225 -61.96 1.18 -50.84
C HIS A 225 -62.96 0.85 -49.74
N HIS A 226 -63.94 0.00 -50.06
CA HIS A 226 -64.97 -0.43 -49.12
C HIS A 226 -65.00 -1.96 -49.01
N HIS A 227 -65.63 -2.46 -47.95
CA HIS A 227 -65.77 -3.89 -47.67
C HIS A 227 -66.66 -4.53 -48.73
N HIS A 228 -66.13 -5.59 -49.37
CA HIS A 228 -66.81 -6.29 -50.44
C HIS A 228 -67.37 -7.62 -49.92
N ASP B 1 -32.23 -11.23 -1.31
CA ASP B 1 -32.29 -10.46 -2.60
C ASP B 1 -32.75 -9.04 -2.31
N ILE B 2 -32.03 -8.08 -2.90
CA ILE B 2 -32.36 -6.67 -2.75
C ILE B 2 -33.32 -6.29 -3.87
N GLN B 3 -34.45 -5.68 -3.49
CA GLN B 3 -35.45 -5.24 -4.46
C GLN B 3 -35.25 -3.75 -4.74
N MET B 4 -35.36 -3.39 -6.03
CA MET B 4 -35.25 -2.02 -6.48
C MET B 4 -36.58 -1.59 -7.07
N THR B 5 -37.19 -0.54 -6.48
CA THR B 5 -38.44 -0.03 -7.02
C THR B 5 -38.20 1.38 -7.54
N GLN B 6 -38.43 1.56 -8.84
CA GLN B 6 -38.33 2.85 -9.50
C GLN B 6 -39.69 3.51 -9.54
N SER B 7 -39.70 4.86 -9.52
CA SER B 7 -40.90 5.66 -9.67
C SER B 7 -40.53 7.00 -10.30
N PRO B 8 -41.43 7.58 -11.12
CA PRO B 8 -42.68 6.96 -11.57
C PRO B 8 -42.42 5.88 -12.62
N SER B 9 -43.46 5.12 -12.98
CA SER B 9 -43.35 4.09 -14.01
C SER B 9 -43.09 4.73 -15.37
N SER B 10 -43.78 5.86 -15.61
CA SER B 10 -43.52 6.71 -16.75
C SER B 10 -43.84 8.16 -16.37
N LEU B 11 -43.28 9.10 -17.13
CA LEU B 11 -43.60 10.51 -16.96
C LEU B 11 -43.52 11.21 -18.31
N SER B 12 -44.29 12.29 -18.43
CA SER B 12 -44.34 13.11 -19.63
C SER B 12 -43.66 14.44 -19.32
N ALA B 13 -42.80 14.89 -20.25
CA ALA B 13 -42.06 16.12 -20.08
C ALA B 13 -41.81 16.77 -21.44
N SER B 14 -41.49 18.07 -21.41
CA SER B 14 -41.24 18.87 -22.60
C SER B 14 -39.73 19.13 -22.73
N VAL B 15 -39.27 19.36 -23.96
CA VAL B 15 -37.89 19.77 -24.19
C VAL B 15 -37.62 21.04 -23.36
N GLY B 16 -36.56 20.99 -22.56
CA GLY B 16 -36.18 22.12 -21.70
C GLY B 16 -36.43 21.83 -20.22
N ASP B 17 -37.28 20.83 -19.94
CA ASP B 17 -37.68 20.53 -18.58
C ASP B 17 -36.51 19.99 -17.77
N ARG B 18 -36.66 20.05 -16.44
CA ARG B 18 -35.83 19.32 -15.51
C ARG B 18 -36.65 18.14 -15.03
N VAL B 19 -36.09 16.94 -15.16
CA VAL B 19 -36.81 15.71 -14.88
C VAL B 19 -36.09 14.95 -13.77
N THR B 20 -36.86 14.39 -12.84
CA THR B 20 -36.33 13.57 -11.76
C THR B 20 -36.97 12.18 -11.77
N ILE B 21 -36.12 11.17 -11.66
CA ILE B 21 -36.50 9.77 -11.55
C ILE B 21 -35.88 9.25 -10.27
N THR B 22 -36.67 8.54 -9.46
CA THR B 22 -36.17 8.01 -8.20
C THR B 22 -36.12 6.48 -8.24
N CYS B 23 -35.21 5.93 -7.43
CA CYS B 23 -35.02 4.50 -7.24
C CYS B 23 -34.86 4.29 -5.74
N ARG B 24 -35.71 3.42 -5.17
CA ARG B 24 -35.60 3.04 -3.77
C ARG B 24 -35.19 1.56 -3.67
N ALA B 25 -34.18 1.31 -2.84
CA ALA B 25 -33.69 -0.04 -2.55
C ALA B 25 -34.36 -0.56 -1.28
N SER B 26 -34.45 -1.90 -1.17
CA SER B 26 -35.06 -2.55 -0.02
C SER B 26 -34.17 -2.47 1.23
N GLN B 27 -32.86 -2.22 1.03
CA GLN B 27 -31.92 -1.90 2.10
C GLN B 27 -30.88 -0.90 1.61
N SER B 28 -30.05 -0.40 2.54
CA SER B 28 -28.96 0.51 2.24
C SER B 28 -27.94 -0.16 1.34
N ILE B 29 -27.51 0.55 0.28
CA ILE B 29 -26.66 -0.07 -0.73
C ILE B 29 -25.41 0.77 -1.00
N SER B 30 -25.11 1.71 -0.09
CA SER B 30 -23.97 2.61 -0.20
C SER B 30 -23.99 3.31 -1.56
N SER B 31 -22.97 3.11 -2.40
CA SER B 31 -22.98 3.69 -3.73
C SER B 31 -22.84 2.63 -4.81
N TYR B 32 -23.32 1.42 -4.51
CA TYR B 32 -23.38 0.32 -5.45
C TYR B 32 -24.64 0.50 -6.31
N LEU B 33 -24.73 1.64 -7.02
CA LEU B 33 -25.91 2.03 -7.76
C LEU B 33 -25.48 2.63 -9.10
N SER B 34 -26.09 2.13 -10.18
CA SER B 34 -25.83 2.60 -11.53
C SER B 34 -27.13 2.95 -12.24
N TRP B 35 -27.05 3.86 -13.22
CA TRP B 35 -28.19 4.23 -14.04
C TRP B 35 -27.89 3.93 -15.51
N TYR B 36 -28.89 3.40 -16.21
CA TYR B 36 -28.75 3.00 -17.60
C TYR B 36 -29.86 3.64 -18.45
N GLN B 37 -29.53 3.95 -19.71
CA GLN B 37 -30.49 4.42 -20.69
C GLN B 37 -30.70 3.33 -21.75
N GLN B 38 -31.97 3.15 -22.17
CA GLN B 38 -32.28 2.24 -23.26
C GLN B 38 -33.36 2.85 -24.15
N LYS B 39 -33.12 2.77 -25.46
CA LYS B 39 -34.06 3.22 -26.48
C LYS B 39 -34.58 2.00 -27.23
N PRO B 40 -35.81 2.04 -27.81
CA PRO B 40 -36.36 0.88 -28.53
C PRO B 40 -35.40 0.24 -29.54
N GLY B 41 -35.23 -1.08 -29.41
CA GLY B 41 -34.47 -1.91 -30.32
C GLY B 41 -32.95 -1.81 -30.12
N LYS B 42 -32.53 -1.27 -28.97
CA LYS B 42 -31.13 -0.95 -28.74
C LYS B 42 -30.68 -1.47 -27.38
N ALA B 43 -29.36 -1.70 -27.27
CA ALA B 43 -28.75 -2.12 -26.03
C ALA B 43 -28.80 -0.99 -25.00
N PRO B 44 -28.88 -1.31 -23.69
CA PRO B 44 -28.69 -0.31 -22.63
C PRO B 44 -27.32 0.35 -22.69
N LYS B 45 -27.25 1.56 -22.14
CA LYS B 45 -26.08 2.41 -22.12
C LYS B 45 -25.92 2.95 -20.71
N LEU B 46 -24.69 2.87 -20.16
CA LEU B 46 -24.34 3.40 -18.85
C LEU B 46 -24.33 4.93 -18.87
N LEU B 47 -24.98 5.56 -17.88
CA LEU B 47 -24.99 7.00 -17.70
C LEU B 47 -24.18 7.39 -16.47
N ILE B 48 -24.53 6.76 -15.34
CA ILE B 48 -24.03 7.09 -14.02
C ILE B 48 -23.65 5.80 -13.31
N TYR B 49 -22.50 5.85 -12.61
CA TYR B 49 -22.08 4.78 -11.70
C TYR B 49 -21.70 5.42 -10.37
N ALA B 50 -21.55 4.57 -9.34
CA ALA B 50 -21.20 5.00 -7.99
C ALA B 50 -22.19 6.04 -7.50
N ALA B 51 -23.42 5.94 -8.01
CA ALA B 51 -24.57 6.76 -7.66
C ALA B 51 -24.51 8.17 -8.27
N SER B 52 -23.31 8.73 -8.42
CA SER B 52 -23.15 10.17 -8.66
CA SER B 52 -23.17 10.16 -8.70
C SER B 52 -22.14 10.46 -9.77
N SER B 53 -21.34 9.45 -10.16
CA SER B 53 -20.26 9.70 -11.11
C SER B 53 -20.79 9.61 -12.54
N LEU B 54 -20.58 10.70 -13.29
CA LEU B 54 -20.95 10.79 -14.70
C LEU B 54 -19.97 9.97 -15.53
N GLN B 55 -20.51 9.03 -16.32
CA GLN B 55 -19.73 8.17 -17.19
C GLN B 55 -19.13 9.01 -18.30
N SER B 56 -17.87 8.73 -18.64
CA SER B 56 -17.10 9.46 -19.62
C SER B 56 -17.85 9.51 -20.95
N GLY B 57 -18.04 10.72 -21.48
CA GLY B 57 -18.64 10.93 -22.79
C GLY B 57 -20.16 11.08 -22.74
N VAL B 58 -20.75 10.93 -21.55
CA VAL B 58 -22.18 11.11 -21.34
C VAL B 58 -22.44 12.60 -21.10
N PRO B 59 -23.48 13.21 -21.70
CA PRO B 59 -23.79 14.64 -21.52
C PRO B 59 -24.03 15.04 -20.07
N SER B 60 -23.60 16.26 -19.71
CA SER B 60 -23.62 16.74 -18.34
C SER B 60 -25.03 17.18 -17.92
N ARG B 61 -26.01 17.07 -18.82
CA ARG B 61 -27.40 17.27 -18.41
C ARG B 61 -27.89 16.10 -17.55
N PHE B 62 -27.15 14.98 -17.56
CA PHE B 62 -27.43 13.86 -16.66
C PHE B 62 -26.61 13.99 -15.39
N SER B 63 -27.24 13.73 -14.24
CA SER B 63 -26.57 13.68 -12.94
C SER B 63 -27.32 12.74 -11.99
N GLY B 64 -26.56 12.18 -11.04
CA GLY B 64 -27.13 11.29 -10.04
C GLY B 64 -26.82 11.77 -8.62
N SER B 65 -27.74 11.48 -7.71
CA SER B 65 -27.52 11.64 -6.29
C SER B 65 -28.23 10.51 -5.54
N GLY B 66 -27.97 10.42 -4.25
CA GLY B 66 -28.66 9.45 -3.42
C GLY B 66 -27.88 9.11 -2.16
N SER B 67 -28.61 8.52 -1.22
CA SER B 67 -28.14 8.26 0.12
C SER B 67 -29.02 7.16 0.71
N GLY B 68 -28.35 6.11 1.22
CA GLY B 68 -29.00 4.97 1.85
C GLY B 68 -29.78 4.14 0.84
N THR B 69 -31.10 4.38 0.82
CA THR B 69 -32.04 3.62 0.03
C THR B 69 -32.48 4.41 -1.20
N ASP B 70 -32.44 5.75 -1.09
CA ASP B 70 -33.10 6.63 -2.03
C ASP B 70 -32.08 7.25 -2.98
N PHE B 71 -32.28 7.02 -4.28
CA PHE B 71 -31.40 7.52 -5.32
C PHE B 71 -32.26 8.19 -6.38
N THR B 72 -31.69 9.21 -7.02
CA THR B 72 -32.38 10.00 -8.02
C THR B 72 -31.46 10.18 -9.22
N LEU B 73 -32.04 10.08 -10.42
CA LEU B 73 -31.41 10.55 -11.64
C LEU B 73 -32.11 11.84 -12.06
N THR B 74 -31.33 12.88 -12.37
CA THR B 74 -31.85 14.16 -12.82
C THR B 74 -31.33 14.43 -14.23
N ILE B 75 -32.25 14.79 -15.14
CA ILE B 75 -31.91 15.33 -16.45
C ILE B 75 -32.33 16.80 -16.43
N THR B 76 -31.35 17.71 -16.57
CA THR B 76 -31.57 19.12 -16.26
C THR B 76 -32.28 19.87 -17.38
N SER B 77 -31.79 19.72 -18.62
CA SER B 77 -32.37 20.49 -19.71
C SER B 77 -32.75 19.55 -20.85
N LEU B 78 -33.84 18.80 -20.63
CA LEU B 78 -34.25 17.65 -21.42
C LEU B 78 -34.23 17.98 -22.91
N GLN B 79 -33.51 17.14 -23.67
CA GLN B 79 -33.40 17.25 -25.12
C GLN B 79 -34.13 16.09 -25.80
N PRO B 80 -34.52 16.20 -27.10
CA PRO B 80 -35.21 15.12 -27.81
C PRO B 80 -34.56 13.74 -27.71
N GLU B 81 -33.23 13.71 -27.74
CA GLU B 81 -32.44 12.49 -27.67
CA GLU B 81 -32.46 12.47 -27.68
C GLU B 81 -32.57 11.83 -26.29
N ASP B 82 -33.18 12.53 -25.32
CA ASP B 82 -33.24 12.06 -23.95
C ASP B 82 -34.54 11.34 -23.61
N PHE B 83 -35.53 11.41 -24.50
CA PHE B 83 -36.75 10.62 -24.34
C PHE B 83 -36.40 9.15 -24.55
N ALA B 84 -36.58 8.34 -23.51
CA ALA B 84 -36.06 6.98 -23.44
C ALA B 84 -36.55 6.31 -22.15
N THR B 85 -36.19 5.03 -21.97
CA THR B 85 -36.35 4.34 -20.70
C THR B 85 -35.04 4.37 -19.91
N TYR B 86 -35.17 4.53 -18.58
CA TYR B 86 -34.07 4.62 -17.63
C TYR B 86 -34.21 3.53 -16.56
N TYR B 87 -33.11 2.80 -16.32
CA TYR B 87 -33.06 1.73 -15.34
C TYR B 87 -31.99 2.03 -14.29
N CYS B 88 -32.33 1.79 -13.02
CA CYS B 88 -31.33 1.68 -11.96
C CYS B 88 -30.92 0.22 -11.80
N GLN B 89 -29.67 0.01 -11.35
CA GLN B 89 -29.18 -1.31 -11.02
C GLN B 89 -28.29 -1.22 -9.78
N GLN B 90 -28.60 -2.09 -8.80
CA GLN B 90 -27.74 -2.30 -7.64
C GLN B 90 -26.74 -3.40 -7.96
N SER B 91 -25.51 -3.21 -7.47
CA SER B 91 -24.41 -4.14 -7.65
C SER B 91 -23.80 -4.46 -6.28
N TYR B 92 -24.60 -4.20 -5.24
CA TYR B 92 -24.26 -4.42 -3.84
C TYR B 92 -24.08 -5.92 -3.60
N SER B 93 -25.03 -6.73 -4.06
CA SER B 93 -24.92 -8.18 -3.91
C SER B 93 -25.64 -8.88 -5.05
N THR B 94 -25.32 -10.18 -5.21
CA THR B 94 -26.01 -11.07 -6.12
C THR B 94 -27.45 -11.26 -5.66
N PRO B 95 -28.41 -11.42 -6.61
CA PRO B 95 -28.24 -11.07 -8.01
C PRO B 95 -28.30 -9.54 -8.13
N ARG B 96 -27.65 -9.01 -9.16
CA ARG B 96 -27.51 -7.56 -9.30
C ARG B 96 -28.79 -7.03 -9.94
N THR B 97 -29.80 -6.80 -9.11
CA THR B 97 -31.17 -6.59 -9.54
C THR B 97 -31.34 -5.16 -10.05
N PHE B 98 -32.17 -5.05 -11.11
CA PHE B 98 -32.54 -3.80 -11.74
C PHE B 98 -33.92 -3.39 -11.25
N GLY B 99 -34.15 -2.08 -11.19
CA GLY B 99 -35.49 -1.51 -11.11
C GLY B 99 -36.27 -1.76 -12.40
N GLN B 100 -37.60 -1.57 -12.35
CA GLN B 100 -38.49 -1.98 -13.41
C GLN B 100 -38.46 -1.01 -14.58
N GLY B 101 -37.86 0.18 -14.38
CA GLY B 101 -37.66 1.13 -15.46
C GLY B 101 -38.63 2.32 -15.42
N THR B 102 -38.20 3.45 -16.01
CA THR B 102 -38.99 4.66 -16.08
C THR B 102 -38.91 5.20 -17.52
N LYS B 103 -40.07 5.31 -18.16
CA LYS B 103 -40.14 5.80 -19.52
C LYS B 103 -40.39 7.31 -19.49
N VAL B 104 -39.48 8.07 -20.11
CA VAL B 104 -39.65 9.51 -20.25
C VAL B 104 -40.26 9.78 -21.63
N GLU B 105 -41.47 10.32 -21.62
CA GLU B 105 -42.29 10.54 -22.81
C GLU B 105 -42.43 12.04 -23.06
N ILE B 106 -42.85 12.39 -24.29
CA ILE B 106 -43.02 13.78 -24.71
C ILE B 106 -44.42 14.25 -24.32
N LYS B 107 -44.47 15.34 -23.56
CA LYS B 107 -45.71 16.00 -23.17
C LYS B 107 -46.30 16.74 -24.37
N ARG B 108 -47.64 16.70 -24.47
CA ARG B 108 -48.42 17.46 -25.45
C ARG B 108 -49.86 17.57 -24.94
N THR B 109 -50.69 18.30 -25.69
CA THR B 109 -52.08 18.53 -25.34
C THR B 109 -52.88 17.26 -25.59
N VAL B 110 -53.96 17.08 -24.80
CA VAL B 110 -54.95 16.02 -24.96
C VAL B 110 -55.47 16.03 -26.40
N ALA B 111 -55.67 14.83 -26.94
CA ALA B 111 -56.23 14.63 -28.27
C ALA B 111 -57.10 13.38 -28.27
N ALA B 112 -58.36 13.57 -28.68
CA ALA B 112 -59.32 12.49 -28.86
C ALA B 112 -58.87 11.60 -30.01
N PRO B 113 -58.97 10.26 -29.88
CA PRO B 113 -58.70 9.35 -30.99
C PRO B 113 -59.78 9.49 -32.06
N SER B 114 -59.38 9.33 -33.32
CA SER B 114 -60.29 8.92 -34.38
C SER B 114 -60.47 7.41 -34.27
N VAL B 115 -61.72 6.94 -34.25
CA VAL B 115 -62.01 5.54 -34.00
C VAL B 115 -62.61 4.92 -35.26
N PHE B 116 -62.02 3.79 -35.67
CA PHE B 116 -62.44 3.06 -36.86
C PHE B 116 -62.59 1.59 -36.50
N ILE B 117 -63.62 0.96 -37.08
CA ILE B 117 -63.90 -0.45 -36.88
C ILE B 117 -63.90 -1.16 -38.24
N PHE B 118 -63.25 -2.33 -38.30
CA PHE B 118 -63.09 -3.06 -39.55
C PHE B 118 -63.71 -4.43 -39.38
N PRO B 119 -64.72 -4.79 -40.21
CA PRO B 119 -65.29 -6.14 -40.21
C PRO B 119 -64.26 -7.12 -40.78
N PRO B 120 -64.36 -8.43 -40.46
CA PRO B 120 -63.49 -9.42 -41.10
C PRO B 120 -63.80 -9.46 -42.58
N SER B 121 -62.75 -9.60 -43.40
CA SER B 121 -62.86 -9.73 -44.84
C SER B 121 -63.53 -11.06 -45.18
N ASP B 122 -64.24 -11.07 -46.31
CA ASP B 122 -64.80 -12.26 -46.91
C ASP B 122 -63.72 -13.35 -47.03
N GLU B 123 -62.52 -12.94 -47.47
CA GLU B 123 -61.40 -13.82 -47.73
C GLU B 123 -61.02 -14.60 -46.47
N GLN B 124 -60.90 -13.90 -45.33
CA GLN B 124 -60.55 -14.55 -44.07
C GLN B 124 -61.65 -15.50 -43.63
N LEU B 125 -62.91 -15.05 -43.77
CA LEU B 125 -64.08 -15.81 -43.34
C LEU B 125 -64.09 -17.18 -44.02
N LYS B 126 -63.61 -17.23 -45.27
CA LYS B 126 -63.59 -18.43 -46.08
C LYS B 126 -62.56 -19.44 -45.56
N SER B 127 -61.78 -19.06 -44.54
CA SER B 127 -60.78 -19.93 -43.94
C SER B 127 -61.19 -20.38 -42.53
N GLY B 128 -62.34 -19.89 -42.04
CA GLY B 128 -62.91 -20.36 -40.79
C GLY B 128 -62.51 -19.56 -39.55
N THR B 129 -61.94 -18.36 -39.76
CA THR B 129 -61.63 -17.46 -38.66
C THR B 129 -62.14 -16.05 -39.00
N ALA B 130 -62.52 -15.30 -37.96
CA ALA B 130 -62.92 -13.91 -38.13
C ALA B 130 -62.09 -13.03 -37.20
N SER B 131 -61.47 -12.00 -37.78
CA SER B 131 -60.77 -10.98 -37.02
C SER B 131 -61.49 -9.65 -37.19
N VAL B 132 -61.94 -9.09 -36.07
CA VAL B 132 -62.58 -7.78 -36.05
C VAL B 132 -61.57 -6.80 -35.44
N VAL B 133 -61.35 -5.67 -36.13
CA VAL B 133 -60.24 -4.79 -35.79
C VAL B 133 -60.76 -3.40 -35.49
N CYS B 134 -60.28 -2.84 -34.37
CA CYS B 134 -60.58 -1.49 -33.93
C CYS B 134 -59.29 -0.69 -33.93
N LEU B 135 -59.31 0.45 -34.65
CA LEU B 135 -58.21 1.38 -34.70
C LEU B 135 -58.56 2.63 -33.90
N LEU B 136 -57.65 3.04 -33.00
CA LEU B 136 -57.70 4.34 -32.38
C LEU B 136 -56.52 5.16 -32.90
N ASN B 137 -56.83 6.21 -33.66
CA ASN B 137 -55.82 6.92 -34.43
C ASN B 137 -55.48 8.25 -33.76
N ASN B 138 -54.18 8.45 -33.45
CA ASN B 138 -53.59 9.73 -33.09
C ASN B 138 -54.22 10.32 -31.82
N PHE B 139 -54.01 9.65 -30.69
CA PHE B 139 -54.59 10.10 -29.44
C PHE B 139 -53.51 10.43 -28.41
N TYR B 140 -53.89 11.24 -27.42
CA TYR B 140 -53.07 11.53 -26.25
C TYR B 140 -54.00 11.89 -25.09
N PRO B 141 -53.72 11.40 -23.86
CA PRO B 141 -52.57 10.58 -23.49
C PRO B 141 -52.72 9.08 -23.78
N ARG B 142 -51.67 8.31 -23.45
CA ARG B 142 -51.54 6.91 -23.79
C ARG B 142 -52.65 6.06 -23.17
N GLU B 143 -52.98 6.34 -21.90
CA GLU B 143 -53.93 5.52 -21.16
C GLU B 143 -55.29 5.60 -21.84
N ALA B 144 -55.83 4.43 -22.20
CA ALA B 144 -57.14 4.28 -22.78
C ALA B 144 -57.63 2.86 -22.47
N LYS B 145 -58.95 2.73 -22.23
CA LYS B 145 -59.52 1.40 -22.04
C LYS B 145 -60.34 1.05 -23.28
N VAL B 146 -59.94 -0.05 -23.93
CA VAL B 146 -60.59 -0.51 -25.14
C VAL B 146 -61.29 -1.82 -24.83
N GLN B 147 -62.61 -1.83 -25.04
CA GLN B 147 -63.47 -2.97 -24.76
C GLN B 147 -64.24 -3.34 -26.02
N TRP B 148 -64.53 -4.63 -26.17
CA TRP B 148 -65.31 -5.16 -27.27
C TRP B 148 -66.70 -5.58 -26.77
N LYS B 149 -67.73 -5.27 -27.57
CA LYS B 149 -69.10 -5.65 -27.29
C LYS B 149 -69.71 -6.28 -28.54
N VAL B 150 -70.33 -7.45 -28.36
CA VAL B 150 -70.99 -8.20 -29.41
C VAL B 150 -72.46 -8.36 -29.02
N ASP B 151 -73.37 -7.79 -29.83
CA ASP B 151 -74.79 -7.68 -29.50
C ASP B 151 -74.97 -7.20 -28.05
N ASN B 152 -74.20 -6.16 -27.70
CA ASN B 152 -74.20 -5.47 -26.41
C ASN B 152 -73.62 -6.33 -25.27
N ALA B 153 -73.12 -7.54 -25.58
CA ALA B 153 -72.47 -8.38 -24.58
C ALA B 153 -70.96 -8.11 -24.57
N LEU B 154 -70.45 -7.70 -23.40
CA LEU B 154 -69.06 -7.36 -23.20
C LEU B 154 -68.20 -8.64 -23.29
N GLN B 155 -67.07 -8.52 -24.01
CA GLN B 155 -66.17 -9.63 -24.27
C GLN B 155 -64.98 -9.57 -23.32
N SER B 156 -64.42 -10.74 -23.02
CA SER B 156 -63.12 -10.85 -22.34
C SER B 156 -62.41 -12.11 -22.82
N GLY B 157 -61.07 -12.03 -22.87
CA GLY B 157 -60.21 -13.16 -23.16
C GLY B 157 -60.12 -13.51 -24.65
N ASN B 158 -60.74 -12.69 -25.52
CA ASN B 158 -60.77 -13.01 -26.94
C ASN B 158 -60.28 -11.82 -27.78
N SER B 159 -59.55 -10.90 -27.13
CA SER B 159 -58.99 -9.76 -27.83
C SER B 159 -57.54 -9.51 -27.39
N GLN B 160 -56.75 -8.96 -28.31
CA GLN B 160 -55.39 -8.52 -28.04
C GLN B 160 -55.20 -7.15 -28.68
N GLU B 161 -54.29 -6.36 -28.11
CA GLU B 161 -54.06 -5.01 -28.60
C GLU B 161 -52.58 -4.69 -28.58
N SER B 162 -52.19 -3.71 -29.40
CA SER B 162 -50.87 -3.12 -29.30
C SER B 162 -50.92 -1.64 -29.65
N VAL B 163 -49.88 -0.92 -29.24
CA VAL B 163 -49.79 0.54 -29.33
C VAL B 163 -48.45 0.88 -29.98
N THR B 164 -48.45 1.88 -30.85
CA THR B 164 -47.23 2.40 -31.43
C THR B 164 -46.50 3.29 -30.43
N GLU B 165 -45.22 3.54 -30.70
CA GLU B 165 -44.47 4.58 -30.01
C GLU B 165 -45.03 5.94 -30.42
N GLN B 166 -44.66 6.99 -29.67
CA GLN B 166 -45.09 8.34 -29.95
C GLN B 166 -44.68 8.75 -31.36
N ASP B 167 -45.63 9.29 -32.12
CA ASP B 167 -45.39 9.71 -33.50
C ASP B 167 -44.34 10.81 -33.52
N SER B 168 -43.53 10.83 -34.58
CA SER B 168 -42.43 11.77 -34.72
C SER B 168 -42.95 13.18 -34.97
N LYS B 169 -44.05 13.29 -35.73
CA LYS B 169 -44.60 14.58 -36.12
C LYS B 169 -45.40 15.21 -34.97
N ASP B 170 -46.36 14.47 -34.41
CA ASP B 170 -47.38 15.06 -33.54
C ASP B 170 -47.32 14.51 -32.10
N SER B 171 -46.44 13.53 -31.84
CA SER B 171 -46.23 12.96 -30.52
C SER B 171 -47.48 12.22 -30.02
N THR B 172 -48.31 11.72 -30.93
CA THR B 172 -49.49 10.98 -30.50
C THR B 172 -49.23 9.48 -30.52
N TYR B 173 -50.15 8.73 -29.92
CA TYR B 173 -50.18 7.28 -29.93
C TYR B 173 -51.33 6.80 -30.81
N SER B 174 -51.16 5.60 -31.39
CA SER B 174 -52.24 4.90 -32.05
C SER B 174 -52.32 3.50 -31.45
N LEU B 175 -53.55 2.96 -31.39
CA LEU B 175 -53.79 1.64 -30.81
C LEU B 175 -54.59 0.83 -31.81
N SER B 176 -54.23 -0.45 -31.92
CA SER B 176 -54.95 -1.43 -32.69
C SER B 176 -55.36 -2.56 -31.75
N SER B 177 -56.65 -2.92 -31.79
CA SER B 177 -57.17 -4.07 -31.05
C SER B 177 -57.86 -5.03 -32.01
N THR B 178 -57.63 -6.33 -31.79
CA THR B 178 -58.20 -7.38 -32.63
C THR B 178 -59.06 -8.29 -31.76
N LEU B 179 -60.32 -8.44 -32.16
CA LEU B 179 -61.19 -9.45 -31.59
C LEU B 179 -61.14 -10.68 -32.49
N THR B 180 -60.90 -11.85 -31.90
CA THR B 180 -60.75 -13.08 -32.67
C THR B 180 -61.85 -14.06 -32.33
N LEU B 181 -62.62 -14.43 -33.37
CA LEU B 181 -63.66 -15.44 -33.30
C LEU B 181 -63.50 -16.43 -34.45
N SER B 182 -64.05 -17.64 -34.28
CA SER B 182 -64.27 -18.55 -35.39
C SER B 182 -65.32 -17.95 -36.32
N LYS B 183 -65.28 -18.33 -37.59
CA LYS B 183 -66.29 -17.90 -38.56
C LYS B 183 -67.68 -18.14 -37.97
N ALA B 184 -67.91 -19.35 -37.43
CA ALA B 184 -69.21 -19.80 -36.94
C ALA B 184 -69.72 -18.88 -35.82
N ASP B 185 -68.83 -18.47 -34.91
CA ASP B 185 -69.19 -17.63 -33.78
C ASP B 185 -69.51 -16.21 -34.26
N TYR B 186 -68.73 -15.74 -35.24
CA TYR B 186 -68.93 -14.42 -35.83
C TYR B 186 -70.32 -14.31 -36.45
N GLU B 187 -70.75 -15.39 -37.10
CA GLU B 187 -71.96 -15.42 -37.92
C GLU B 187 -73.20 -15.48 -37.04
N LYS B 188 -73.00 -15.70 -35.73
CA LYS B 188 -74.09 -15.86 -34.78
C LYS B 188 -74.68 -14.51 -34.36
N HIS B 189 -73.94 -13.42 -34.60
CA HIS B 189 -74.26 -12.13 -34.01
C HIS B 189 -74.32 -11.04 -35.07
N LYS B 190 -74.97 -9.92 -34.72
CA LYS B 190 -75.25 -8.84 -35.67
C LYS B 190 -74.32 -7.65 -35.40
N VAL B 191 -74.32 -7.15 -34.16
CA VAL B 191 -73.75 -5.84 -33.83
C VAL B 191 -72.39 -6.03 -33.16
N TYR B 192 -71.34 -5.48 -33.79
CA TYR B 192 -69.97 -5.55 -33.32
C TYR B 192 -69.50 -4.13 -33.00
N ALA B 193 -68.98 -3.94 -31.78
CA ALA B 193 -68.68 -2.60 -31.29
C ALA B 193 -67.38 -2.61 -30.48
N CYS B 194 -66.59 -1.56 -30.70
CA CYS B 194 -65.41 -1.26 -29.92
CA CYS B 194 -65.43 -1.29 -29.87
C CYS B 194 -65.62 0.05 -29.17
N GLU B 195 -65.49 0.01 -27.83
CA GLU B 195 -65.65 1.15 -26.97
C GLU B 195 -64.29 1.56 -26.40
N VAL B 196 -63.96 2.85 -26.50
CA VAL B 196 -62.77 3.43 -25.90
C VAL B 196 -63.14 4.43 -24.82
N THR B 197 -62.54 4.27 -23.63
CA THR B 197 -62.76 5.11 -22.46
C THR B 197 -61.46 5.80 -22.08
N GLN B 198 -61.51 7.14 -22.02
CA GLN B 198 -60.47 8.00 -21.46
C GLN B 198 -61.15 9.05 -20.58
N GLY B 199 -60.72 9.11 -19.31
CA GLY B 199 -61.31 10.00 -18.31
C GLY B 199 -62.82 9.82 -18.22
N THR B 200 -63.55 10.88 -18.58
CA THR B 200 -64.98 10.97 -18.38
C THR B 200 -65.74 10.66 -19.68
N THR B 201 -64.99 10.29 -20.74
CA THR B 201 -65.56 10.11 -22.07
C THR B 201 -65.36 8.66 -22.54
N SER B 202 -66.45 8.06 -23.03
CA SER B 202 -66.45 6.79 -23.75
C SER B 202 -67.01 6.99 -25.15
N VAL B 203 -66.32 6.46 -26.16
CA VAL B 203 -66.78 6.48 -27.54
C VAL B 203 -66.89 5.04 -28.05
N THR B 204 -68.03 4.73 -28.67
CA THR B 204 -68.30 3.41 -29.24
C THR B 204 -68.57 3.53 -30.74
N LYS B 205 -67.76 2.83 -31.53
CA LYS B 205 -67.96 2.70 -32.97
C LYS B 205 -68.42 1.26 -33.27
N SER B 206 -69.41 1.12 -34.15
CA SER B 206 -69.97 -0.19 -34.45
C SER B 206 -70.32 -0.36 -35.93
N PHE B 207 -70.55 -1.61 -36.32
CA PHE B 207 -71.18 -1.98 -37.57
C PHE B 207 -72.16 -3.12 -37.29
N ASN B 208 -73.11 -3.28 -38.22
CA ASN B 208 -74.08 -4.36 -38.21
C ASN B 208 -73.67 -5.36 -39.29
N ARG B 209 -73.43 -6.62 -38.89
CA ARG B 209 -72.95 -7.64 -39.80
C ARG B 209 -73.89 -7.76 -41.01
N GLY B 210 -75.19 -7.81 -40.72
CA GLY B 210 -76.25 -7.90 -41.72
C GLY B 210 -76.21 -6.75 -42.72
N GLU B 211 -75.92 -5.54 -42.22
CA GLU B 211 -75.86 -4.33 -43.02
C GLU B 211 -74.41 -4.06 -43.42
N CYS B 212 -74.16 -2.87 -43.96
CA CYS B 212 -72.83 -2.35 -44.24
C CYS B 212 -72.94 -0.92 -44.78
N ASN C 6 27.12 -33.94 -15.50
CA ASN C 6 26.08 -33.02 -16.03
C ASN C 6 25.99 -31.78 -15.15
N LEU C 7 26.09 -30.61 -15.79
CA LEU C 7 25.98 -29.31 -15.13
C LEU C 7 24.52 -29.04 -14.76
N CYS C 8 24.34 -28.24 -13.70
CA CYS C 8 23.02 -27.98 -13.12
C CYS C 8 22.16 -27.15 -14.08
N PRO C 9 20.93 -27.62 -14.41
CA PRO C 9 20.02 -26.91 -15.31
C PRO C 9 19.55 -25.61 -14.69
N PHE C 10 20.33 -24.54 -14.94
CA PHE C 10 20.10 -23.24 -14.34
C PHE C 10 19.60 -22.26 -15.38
N GLY C 11 20.12 -22.39 -16.61
CA GLY C 11 19.66 -21.62 -17.76
C GLY C 11 18.21 -21.91 -18.12
N GLU C 12 17.70 -23.07 -17.68
CA GLU C 12 16.32 -23.46 -17.92
C GLU C 12 15.38 -22.60 -17.07
N VAL C 13 15.85 -22.19 -15.89
CA VAL C 13 15.08 -21.44 -14.92
C VAL C 13 15.18 -19.95 -15.23
N PHE C 14 16.40 -19.48 -15.51
CA PHE C 14 16.67 -18.06 -15.71
C PHE C 14 16.29 -17.60 -17.12
N ASN C 15 16.20 -18.55 -18.07
CA ASN C 15 15.94 -18.22 -19.45
C ASN C 15 14.63 -18.87 -19.94
N ALA C 16 13.79 -19.31 -18.99
CA ALA C 16 12.45 -19.80 -19.31
C ALA C 16 11.66 -18.70 -20.01
N THR C 17 10.88 -19.09 -21.03
CA THR C 17 10.11 -18.15 -21.83
C THR C 17 8.96 -17.58 -20.99
N ARG C 18 8.19 -18.47 -20.36
CA ARG C 18 7.09 -18.07 -19.50
C ARG C 18 7.52 -18.16 -18.03
N PHE C 19 7.16 -17.11 -17.28
CA PHE C 19 7.31 -17.07 -15.83
C PHE C 19 5.93 -17.07 -15.18
N ALA C 20 5.85 -17.69 -14.00
CA ALA C 20 4.63 -17.81 -13.21
C ALA C 20 4.22 -16.45 -12.63
N SER C 21 2.91 -16.30 -12.37
CA SER C 21 2.40 -15.25 -11.50
C SER C 21 2.86 -15.55 -10.08
N VAL C 22 3.06 -14.48 -9.28
CA VAL C 22 3.63 -14.61 -7.95
C VAL C 22 2.74 -15.47 -7.05
N TYR C 23 1.42 -15.29 -7.12
CA TYR C 23 0.50 -16.02 -6.25
C TYR C 23 0.58 -17.51 -6.57
N ALA C 24 0.91 -17.82 -7.82
CA ALA C 24 1.07 -19.19 -8.30
C ALA C 24 2.53 -19.41 -8.70
N TRP C 25 3.44 -19.10 -7.77
CA TRP C 25 4.88 -19.15 -8.00
C TRP C 25 5.32 -20.56 -8.34
N ASN C 26 6.29 -20.66 -9.26
CA ASN C 26 6.77 -21.91 -9.81
C ASN C 26 7.98 -22.40 -9.00
N ARG C 27 7.97 -23.71 -8.71
CA ARG C 27 9.09 -24.38 -8.07
C ARG C 27 9.75 -25.33 -9.06
N LYS C 28 11.09 -25.31 -9.09
CA LYS C 28 11.89 -26.33 -9.75
C LYS C 28 12.93 -26.88 -8.78
N ARG C 29 12.94 -28.21 -8.65
CA ARG C 29 13.90 -28.94 -7.82
C ARG C 29 15.14 -29.25 -8.65
N ILE C 30 16.30 -28.78 -8.16
CA ILE C 30 17.58 -29.04 -8.77
C ILE C 30 18.19 -30.28 -8.11
N SER C 31 18.45 -31.30 -8.93
CA SER C 31 18.88 -32.62 -8.50
C SER C 31 20.41 -32.70 -8.53
N ASN C 32 20.93 -33.95 -8.54
CA ASN C 32 22.35 -34.24 -8.45
C ASN C 32 23.08 -33.78 -9.72
N CYS C 33 23.81 -32.66 -9.60
CA CYS C 33 24.52 -32.04 -10.70
C CYS C 33 25.61 -31.11 -10.18
N VAL C 34 26.51 -30.70 -11.09
CA VAL C 34 27.63 -29.82 -10.79
C VAL C 34 27.10 -28.41 -10.57
N ALA C 35 26.98 -28.02 -9.29
CA ALA C 35 26.49 -26.70 -8.92
C ALA C 35 27.63 -25.69 -8.98
N ASP C 36 27.66 -24.92 -10.07
CA ASP C 36 28.65 -23.86 -10.27
C ASP C 36 27.98 -22.51 -10.04
N TYR C 37 28.23 -21.92 -8.86
CA TYR C 37 27.46 -20.79 -8.37
C TYR C 37 28.06 -19.45 -8.81
N SER C 38 29.39 -19.40 -8.97
CA SER C 38 30.11 -18.16 -9.24
C SER C 38 29.86 -17.66 -10.67
N VAL C 39 29.69 -18.61 -11.60
CA VAL C 39 29.50 -18.31 -13.02
C VAL C 39 28.15 -17.63 -13.24
N LEU C 40 27.16 -18.05 -12.43
CA LEU C 40 25.80 -17.53 -12.46
C LEU C 40 25.79 -16.05 -12.05
N TYR C 41 26.56 -15.73 -11.01
CA TYR C 41 26.61 -14.39 -10.43
C TYR C 41 27.22 -13.39 -11.42
N ASN C 42 27.91 -13.90 -12.43
CA ASN C 42 28.45 -13.10 -13.52
C ASN C 42 27.97 -13.66 -14.87
N SER C 43 26.68 -14.02 -14.93
CA SER C 43 26.07 -14.58 -16.13
C SER C 43 25.22 -13.53 -16.85
N ALA C 44 24.68 -12.57 -16.09
CA ALA C 44 23.87 -11.48 -16.62
C ALA C 44 23.98 -10.28 -15.69
N SER C 45 23.47 -9.12 -16.16
CA SER C 45 23.29 -7.95 -15.32
C SER C 45 22.04 -8.14 -14.47
N PHE C 46 22.26 -8.44 -13.18
CA PHE C 46 21.20 -8.60 -12.21
C PHE C 46 21.09 -7.35 -11.35
N SER C 47 19.86 -6.84 -11.22
CA SER C 47 19.56 -5.68 -10.39
C SER C 47 19.65 -6.04 -8.91
N THR C 48 19.41 -7.33 -8.60
CA THR C 48 19.48 -7.89 -7.26
C THR C 48 20.23 -9.21 -7.31
N PHE C 49 21.28 -9.32 -6.46
CA PHE C 49 21.89 -10.58 -6.12
C PHE C 49 22.37 -10.51 -4.67
N LYS C 50 21.53 -11.02 -3.76
CA LYS C 50 21.79 -11.00 -2.33
C LYS C 50 21.61 -12.41 -1.80
N CYS C 51 22.54 -12.85 -0.94
CA CYS C 51 22.45 -14.18 -0.35
C CYS C 51 22.34 -14.09 1.17
N TYR C 52 21.80 -15.15 1.77
CA TYR C 52 21.41 -15.13 3.17
C TYR C 52 22.00 -16.34 3.88
N GLY C 53 23.20 -16.14 4.46
CA GLY C 53 23.92 -17.17 5.21
C GLY C 53 24.90 -17.94 4.33
N VAL C 54 25.40 -17.29 3.27
CA VAL C 54 26.28 -17.87 2.27
C VAL C 54 26.80 -16.77 1.35
N SER C 55 27.97 -16.99 0.75
CA SER C 55 28.59 -16.08 -0.21
C SER C 55 28.45 -16.64 -1.63
N PRO C 56 28.54 -15.79 -2.69
CA PRO C 56 28.59 -16.28 -4.07
C PRO C 56 29.83 -17.09 -4.44
N THR C 57 30.90 -16.94 -3.65
CA THR C 57 32.17 -17.63 -3.91
C THR C 57 32.37 -18.78 -2.93
N LYS C 58 31.85 -18.62 -1.70
CA LYS C 58 32.00 -19.60 -0.62
C LYS C 58 30.95 -20.72 -0.74
N LEU C 59 30.05 -20.59 -1.71
CA LEU C 59 29.08 -21.62 -2.05
C LEU C 59 29.76 -22.70 -2.89
N ASN C 60 30.87 -22.33 -3.56
CA ASN C 60 31.62 -23.21 -4.44
C ASN C 60 32.56 -24.11 -3.62
N ASP C 61 32.17 -24.35 -2.36
CA ASP C 61 32.88 -25.24 -1.45
C ASP C 61 31.90 -25.84 -0.46
N LEU C 62 30.64 -26.03 -0.91
CA LEU C 62 29.57 -26.56 -0.08
C LEU C 62 28.81 -27.65 -0.83
N CYS C 63 28.08 -28.47 -0.06
CA CYS C 63 27.22 -29.53 -0.59
C CYS C 63 25.87 -29.51 0.12
N PHE C 64 24.81 -29.74 -0.66
CA PHE C 64 23.43 -29.74 -0.18
C PHE C 64 22.69 -30.96 -0.72
N THR C 65 21.61 -31.33 -0.02
CA THR C 65 20.73 -32.41 -0.43
C THR C 65 20.01 -32.02 -1.74
N ASN C 66 19.39 -30.84 -1.74
CA ASN C 66 18.61 -30.33 -2.87
C ASN C 66 18.66 -28.81 -2.89
N VAL C 67 18.61 -28.26 -4.10
CA VAL C 67 18.39 -26.83 -4.32
C VAL C 67 17.00 -26.67 -4.93
N TYR C 68 16.20 -25.76 -4.35
CA TYR C 68 14.90 -25.41 -4.91
C TYR C 68 14.98 -24.03 -5.54
N ALA C 69 14.50 -23.92 -6.78
CA ALA C 69 14.48 -22.68 -7.55
C ALA C 69 13.04 -22.24 -7.74
N ASP C 70 12.67 -21.14 -7.06
CA ASP C 70 11.34 -20.56 -7.12
C ASP C 70 11.38 -19.36 -8.04
N SER C 71 10.42 -19.29 -8.97
CA SER C 71 10.38 -18.22 -9.97
C SER C 71 8.97 -17.64 -10.11
N PHE C 72 8.93 -16.33 -10.38
CA PHE C 72 7.71 -15.54 -10.48
C PHE C 72 8.04 -14.13 -10.96
N VAL C 73 7.00 -13.32 -11.18
CA VAL C 73 7.12 -11.94 -11.61
C VAL C 73 6.36 -11.04 -10.62
N ILE C 74 7.01 -9.93 -10.26
CA ILE C 74 6.46 -8.89 -9.40
C ILE C 74 6.92 -7.55 -9.98
N ARG C 75 6.47 -6.43 -9.39
CA ARG C 75 6.96 -5.14 -9.83
C ARG C 75 8.21 -4.75 -9.03
N GLY C 76 9.06 -3.92 -9.66
CA GLY C 76 10.35 -3.50 -9.14
C GLY C 76 10.33 -3.09 -7.67
N ASP C 77 9.31 -2.32 -7.28
CA ASP C 77 9.23 -1.78 -5.93
C ASP C 77 8.72 -2.83 -4.93
N GLU C 78 8.64 -4.09 -5.35
CA GLU C 78 8.20 -5.16 -4.47
C GLU C 78 9.34 -6.17 -4.21
N VAL C 79 10.45 -6.01 -4.96
CA VAL C 79 11.59 -6.91 -4.87
C VAL C 79 12.11 -6.95 -3.43
N ARG C 80 12.12 -5.78 -2.77
CA ARG C 80 12.53 -5.66 -1.37
C ARG C 80 11.77 -6.65 -0.49
N GLN C 81 10.58 -7.09 -0.93
CA GLN C 81 9.73 -7.95 -0.12
C GLN C 81 10.21 -9.40 -0.17
N ILE C 82 11.02 -9.73 -1.18
CA ILE C 82 11.53 -11.09 -1.32
C ILE C 82 12.84 -11.21 -0.52
N ALA C 83 12.69 -11.18 0.80
CA ALA C 83 13.76 -11.18 1.79
C ALA C 83 13.18 -11.63 3.12
N PRO C 84 13.94 -12.37 3.96
CA PRO C 84 13.48 -12.71 5.31
C PRO C 84 13.07 -11.46 6.09
N GLY C 85 11.98 -11.60 6.87
CA GLY C 85 11.59 -10.60 7.85
C GLY C 85 10.77 -9.44 7.28
N GLN C 86 10.37 -9.56 6.00
CA GLN C 86 9.68 -8.47 5.30
C GLN C 86 8.17 -8.61 5.45
N THR C 87 7.47 -7.51 5.15
CA THR C 87 6.01 -7.41 5.16
C THR C 87 5.54 -6.73 3.88
N GLY C 88 4.21 -6.71 3.69
CA GLY C 88 3.58 -6.24 2.46
C GLY C 88 2.77 -7.35 1.79
N LYS C 89 2.04 -6.99 0.73
CA LYS C 89 1.10 -7.89 0.07
C LYS C 89 1.82 -9.15 -0.42
N ILE C 90 3.00 -8.98 -1.03
CA ILE C 90 3.72 -10.10 -1.61
C ILE C 90 4.23 -11.03 -0.51
N ALA C 91 4.89 -10.48 0.51
CA ALA C 91 5.45 -11.28 1.59
C ALA C 91 4.33 -11.90 2.45
N ASP C 92 3.22 -11.17 2.60
CA ASP C 92 2.15 -11.62 3.49
C ASP C 92 1.29 -12.69 2.82
N TYR C 93 0.97 -12.49 1.53
CA TYR C 93 -0.12 -13.25 0.91
C TYR C 93 0.30 -13.96 -0.38
N ASN C 94 1.55 -13.80 -0.81
CA ASN C 94 1.97 -14.34 -2.11
C ASN C 94 3.14 -15.31 -1.96
N TYR C 95 4.29 -14.79 -1.48
CA TYR C 95 5.51 -15.57 -1.36
C TYR C 95 6.30 -15.14 -0.13
N LYS C 96 6.42 -16.07 0.83
CA LYS C 96 7.01 -15.83 2.13
C LYS C 96 8.31 -16.61 2.28
N LEU C 97 9.38 -15.89 2.63
CA LEU C 97 10.65 -16.49 2.98
C LEU C 97 10.72 -16.67 4.49
N PRO C 98 11.36 -17.74 5.00
CA PRO C 98 11.45 -17.97 6.45
C PRO C 98 12.41 -16.99 7.10
N ASP C 99 12.31 -16.90 8.44
CA ASP C 99 13.15 -16.04 9.26
C ASP C 99 14.62 -16.45 9.12
N ASP C 100 14.88 -17.77 9.14
CA ASP C 100 16.23 -18.32 9.13
C ASP C 100 16.62 -18.76 7.72
N PHE C 101 16.22 -17.98 6.70
CA PHE C 101 16.37 -18.36 5.30
C PHE C 101 17.84 -18.53 4.94
N THR C 102 18.12 -19.60 4.19
CA THR C 102 19.44 -19.89 3.65
C THR C 102 19.32 -20.07 2.13
N GLY C 103 19.70 -19.00 1.41
CA GLY C 103 19.71 -19.02 -0.03
C GLY C 103 20.05 -17.66 -0.64
N CYS C 104 19.79 -17.52 -1.93
CA CYS C 104 19.99 -16.26 -2.64
C CYS C 104 18.68 -15.80 -3.26
N VAL C 105 18.58 -14.49 -3.48
CA VAL C 105 17.46 -13.84 -4.14
C VAL C 105 18.02 -13.03 -5.31
N ILE C 106 17.60 -13.41 -6.52
CA ILE C 106 18.14 -12.85 -7.75
C ILE C 106 16.98 -12.27 -8.56
N ALA C 107 17.17 -11.05 -9.08
CA ALA C 107 16.14 -10.35 -9.81
C ALA C 107 16.75 -9.53 -10.94
N TRP C 108 15.94 -9.30 -11.98
CA TRP C 108 16.28 -8.44 -13.11
C TRP C 108 15.01 -7.86 -13.74
N ASN C 109 15.15 -6.62 -14.24
CA ASN C 109 14.13 -5.90 -14.99
C ASN C 109 13.79 -6.66 -16.26
N SER C 110 12.48 -6.83 -16.50
CA SER C 110 11.98 -7.63 -17.61
C SER C 110 10.92 -6.87 -18.40
N ASN C 111 11.02 -5.53 -18.38
CA ASN C 111 10.09 -4.59 -18.97
C ASN C 111 10.08 -4.72 -20.50
N ASN C 112 11.18 -5.24 -21.06
CA ASN C 112 11.35 -5.47 -22.49
C ASN C 112 10.53 -6.68 -22.92
N LEU C 113 10.28 -7.61 -21.98
CA LEU C 113 9.65 -8.90 -22.24
C LEU C 113 8.20 -8.89 -21.77
N ASP C 114 7.98 -8.46 -20.52
CA ASP C 114 6.74 -8.75 -19.80
C ASP C 114 5.73 -7.61 -19.91
N SER C 115 6.18 -6.46 -20.42
CA SER C 115 5.28 -5.33 -20.66
C SER C 115 4.69 -5.41 -22.06
N LYS C 116 3.36 -5.33 -22.14
CA LYS C 116 2.64 -5.18 -23.39
C LYS C 116 2.10 -3.77 -23.48
N VAL C 117 1.91 -3.26 -24.71
CA VAL C 117 1.29 -1.96 -24.93
C VAL C 117 -0.21 -2.13 -24.67
N GLY C 118 -0.77 -1.24 -23.85
CA GLY C 118 -2.14 -1.33 -23.39
C GLY C 118 -2.27 -2.13 -22.09
N GLY C 119 -1.20 -2.85 -21.73
CA GLY C 119 -1.11 -3.58 -20.49
C GLY C 119 -1.03 -5.09 -20.70
N ASN C 120 -0.16 -5.75 -19.92
CA ASN C 120 -0.14 -7.20 -19.80
C ASN C 120 -0.81 -7.58 -18.49
N TYR C 121 -2.03 -8.12 -18.59
CA TYR C 121 -2.89 -8.39 -17.46
C TYR C 121 -2.82 -9.87 -17.08
N ASN C 122 -1.77 -10.56 -17.53
CA ASN C 122 -1.61 -11.99 -17.32
C ASN C 122 -1.05 -12.31 -15.93
N TYR C 123 -0.29 -11.36 -15.35
CA TYR C 123 0.37 -11.55 -14.06
C TYR C 123 -0.51 -11.08 -12.91
N LEU C 124 -0.75 -11.99 -11.96
CA LEU C 124 -1.64 -11.73 -10.84
C LEU C 124 -0.87 -11.80 -9.53
N TYR C 125 -1.43 -11.13 -8.51
CA TYR C 125 -1.00 -11.23 -7.13
C TYR C 125 -2.23 -11.20 -6.23
N ARG C 126 -2.12 -11.82 -5.05
CA ARG C 126 -3.20 -11.89 -4.09
C ARG C 126 -3.21 -10.63 -3.22
N LEU C 127 -4.37 -9.96 -3.18
CA LEU C 127 -4.53 -8.68 -2.51
C LEU C 127 -5.10 -8.88 -1.11
N PHE C 128 -5.85 -9.96 -0.92
CA PHE C 128 -6.55 -10.21 0.33
C PHE C 128 -6.40 -11.69 0.71
N ARG C 129 -6.23 -11.93 2.01
CA ARG C 129 -6.17 -13.26 2.59
C ARG C 129 -6.50 -13.14 4.07
N LYS C 130 -7.17 -14.16 4.62
CA LYS C 130 -7.64 -14.12 6.00
C LYS C 130 -6.46 -14.09 6.99
N SER C 131 -5.31 -14.63 6.58
CA SER C 131 -4.08 -14.60 7.36
C SER C 131 -2.86 -14.73 6.44
N ASN C 132 -1.68 -14.38 6.99
CA ASN C 132 -0.42 -14.43 6.28
C ASN C 132 -0.03 -15.88 5.98
N LEU C 133 0.71 -16.05 4.87
CA LEU C 133 1.22 -17.35 4.46
C LEU C 133 2.32 -17.81 5.43
N LYS C 134 2.43 -19.13 5.57
CA LYS C 134 3.59 -19.77 6.17
C LYS C 134 4.74 -19.75 5.17
N PRO C 135 6.02 -19.75 5.62
CA PRO C 135 7.15 -19.82 4.69
C PRO C 135 6.99 -20.94 3.66
N PHE C 136 7.19 -20.57 2.39
CA PHE C 136 7.12 -21.47 1.25
C PHE C 136 5.69 -22.00 1.00
N GLU C 137 4.68 -21.31 1.55
CA GLU C 137 3.29 -21.63 1.27
C GLU C 137 2.86 -21.01 -0.05
N ARG C 138 1.97 -21.71 -0.74
CA ARG C 138 1.39 -21.34 -2.03
C ARG C 138 -0.13 -21.39 -1.91
N ASP C 139 -0.79 -20.29 -2.27
CA ASP C 139 -2.25 -20.22 -2.26
C ASP C 139 -2.74 -19.83 -3.66
N ILE C 140 -3.49 -20.75 -4.27
CA ILE C 140 -3.96 -20.57 -5.64
C ILE C 140 -5.48 -20.50 -5.68
N SER C 141 -6.10 -20.35 -4.50
CA SER C 141 -7.56 -20.34 -4.39
C SER C 141 -8.12 -19.02 -4.92
N THR C 142 -9.37 -19.06 -5.40
CA THR C 142 -10.00 -17.90 -6.01
C THR C 142 -11.31 -17.56 -5.31
N GLU C 143 -11.45 -17.99 -4.04
CA GLU C 143 -12.58 -17.67 -3.19
C GLU C 143 -12.73 -16.16 -3.08
N ILE C 144 -13.96 -15.66 -3.26
CA ILE C 144 -14.27 -14.26 -2.98
C ILE C 144 -13.98 -14.01 -1.50
N TYR C 145 -13.32 -12.88 -1.23
CA TYR C 145 -12.84 -12.58 0.11
C TYR C 145 -13.96 -11.88 0.90
N GLN C 146 -14.42 -12.56 1.95
CA GLN C 146 -15.48 -12.05 2.80
C GLN C 146 -14.89 -11.10 3.85
N ALA C 147 -15.00 -9.79 3.59
CA ALA C 147 -14.58 -8.77 4.54
C ALA C 147 -15.71 -8.42 5.49
N GLY C 148 -16.94 -8.77 5.13
CA GLY C 148 -18.13 -8.44 5.91
C GLY C 148 -18.56 -9.57 6.85
N SER C 149 -19.77 -9.42 7.41
CA SER C 149 -20.42 -10.46 8.21
C SER C 149 -21.41 -11.24 7.34
N THR C 150 -21.98 -10.55 6.35
CA THR C 150 -22.87 -11.16 5.36
C THR C 150 -22.05 -12.06 4.44
N PRO C 151 -22.57 -13.24 4.02
CA PRO C 151 -21.82 -14.15 3.15
C PRO C 151 -21.84 -13.67 1.70
N CYS C 152 -20.70 -13.87 1.03
CA CYS C 152 -20.57 -13.65 -0.40
C CYS C 152 -20.97 -14.94 -1.10
N ASN C 153 -21.93 -14.85 -2.01
CA ASN C 153 -22.43 -16.01 -2.73
C ASN C 153 -21.64 -16.16 -4.04
N GLY C 154 -20.31 -16.20 -3.91
CA GLY C 154 -19.42 -16.44 -5.04
C GLY C 154 -19.27 -15.22 -5.96
N VAL C 155 -19.89 -14.09 -5.58
CA VAL C 155 -19.96 -12.91 -6.41
C VAL C 155 -19.48 -11.70 -5.62
N GLU C 156 -18.51 -10.98 -6.20
CA GLU C 156 -17.97 -9.75 -5.63
C GLU C 156 -19.07 -8.71 -5.52
N GLY C 157 -18.95 -7.88 -4.48
CA GLY C 157 -19.96 -6.86 -4.16
C GLY C 157 -19.52 -6.05 -2.94
N PHE C 158 -20.50 -5.50 -2.21
CA PHE C 158 -20.19 -4.83 -0.97
C PHE C 158 -19.58 -5.84 0.00
N ASN C 159 -18.38 -5.52 0.48
CA ASN C 159 -17.68 -6.27 1.51
C ASN C 159 -17.24 -7.66 1.01
N CYS C 160 -17.26 -7.84 -0.31
CA CYS C 160 -17.00 -9.11 -0.96
C CYS C 160 -16.05 -8.88 -2.14
N TYR C 161 -14.77 -9.21 -1.96
CA TYR C 161 -13.76 -8.70 -2.87
C TYR C 161 -13.08 -9.85 -3.62
N PHE C 162 -12.99 -9.69 -4.94
CA PHE C 162 -12.15 -10.58 -5.72
C PHE C 162 -10.72 -10.49 -5.18
N PRO C 163 -10.09 -11.63 -4.80
CA PRO C 163 -8.85 -11.59 -4.03
C PRO C 163 -7.59 -11.33 -4.85
N LEU C 164 -7.68 -11.50 -6.17
CA LEU C 164 -6.52 -11.35 -7.04
C LEU C 164 -6.65 -10.08 -7.88
N GLN C 165 -5.51 -9.49 -8.21
CA GLN C 165 -5.45 -8.35 -9.11
C GLN C 165 -4.30 -8.54 -10.10
N SER C 166 -4.50 -8.05 -11.33
CA SER C 166 -3.46 -8.02 -12.35
C SER C 166 -2.60 -6.76 -12.17
N TYR C 167 -1.30 -6.90 -12.49
CA TYR C 167 -0.38 -5.77 -12.47
C TYR C 167 -0.69 -4.81 -13.63
N GLY C 168 -0.87 -5.37 -14.83
CA GLY C 168 -1.14 -4.60 -16.03
C GLY C 168 0.08 -3.79 -16.50
N PHE C 169 1.23 -4.48 -16.61
CA PHE C 169 2.51 -3.88 -16.91
C PHE C 169 2.49 -3.24 -18.29
N GLN C 170 2.91 -1.97 -18.33
CA GLN C 170 2.98 -1.17 -19.54
C GLN C 170 4.40 -0.66 -19.73
N PRO C 171 4.90 -0.48 -20.98
CA PRO C 171 6.30 -0.12 -21.23
C PRO C 171 6.71 1.24 -20.64
N THR C 172 5.74 2.16 -20.55
CA THR C 172 6.00 3.53 -20.15
C THR C 172 5.94 3.68 -18.62
N ASN C 173 5.64 2.58 -17.92
CA ASN C 173 5.56 2.57 -16.46
C ASN C 173 6.91 2.98 -15.87
N GLY C 174 6.83 3.73 -14.75
CA GLY C 174 7.99 4.08 -13.93
C GLY C 174 8.71 2.83 -13.43
N VAL C 175 10.00 2.99 -13.11
CA VAL C 175 10.92 1.89 -12.80
C VAL C 175 10.36 1.01 -11.69
N GLY C 176 9.73 1.64 -10.68
CA GLY C 176 9.15 0.95 -9.54
C GLY C 176 7.96 0.05 -9.89
N TYR C 177 7.34 0.31 -11.06
CA TYR C 177 6.11 -0.34 -11.48
C TYR C 177 6.36 -1.31 -12.64
N GLN C 178 7.61 -1.38 -13.10
CA GLN C 178 7.98 -2.26 -14.20
C GLN C 178 8.07 -3.71 -13.71
N PRO C 179 7.85 -4.72 -14.58
CA PRO C 179 7.96 -6.12 -14.17
C PRO C 179 9.40 -6.52 -13.92
N TYR C 180 9.59 -7.34 -12.87
CA TYR C 180 10.87 -7.92 -12.52
C TYR C 180 10.72 -9.42 -12.36
N ARG C 181 11.61 -10.17 -13.01
CA ARG C 181 11.69 -11.62 -12.87
C ARG C 181 12.55 -11.94 -11.65
N VAL C 182 12.07 -12.88 -10.83
CA VAL C 182 12.71 -13.19 -9.56
C VAL C 182 12.97 -14.69 -9.51
N VAL C 183 14.21 -15.05 -9.17
CA VAL C 183 14.58 -16.42 -8.87
C VAL C 183 15.08 -16.48 -7.43
N VAL C 184 14.51 -17.40 -6.65
CA VAL C 184 14.89 -17.64 -5.27
C VAL C 184 15.46 -19.05 -5.19
N LEU C 185 16.70 -19.15 -4.67
CA LEU C 185 17.38 -20.42 -4.52
C LEU C 185 17.49 -20.75 -3.04
N SER C 186 16.66 -21.70 -2.57
CA SER C 186 16.79 -22.23 -1.22
C SER C 186 17.70 -23.47 -1.24
N PHE C 187 18.52 -23.60 -0.20
CA PHE C 187 19.48 -24.68 -0.07
C PHE C 187 19.07 -25.57 1.11
N GLU C 188 18.85 -26.86 0.83
CA GLU C 188 18.28 -27.79 1.80
C GLU C 188 19.33 -28.78 2.30
N LEU C 189 19.15 -29.19 3.57
CA LEU C 189 19.89 -30.29 4.17
C LEU C 189 18.89 -31.25 4.82
N LEU C 190 19.01 -32.54 4.49
CA LEU C 190 18.17 -33.59 5.03
C LEU C 190 19.05 -34.75 5.49
N HIS C 191 18.45 -35.69 6.26
CA HIS C 191 19.13 -36.89 6.73
C HIS C 191 19.22 -37.91 5.59
N ALA C 192 19.88 -37.49 4.50
CA ALA C 192 20.00 -38.23 3.25
C ALA C 192 21.24 -37.76 2.50
N PRO C 193 21.84 -38.56 1.59
CA PRO C 193 23.06 -38.17 0.88
C PRO C 193 22.91 -36.90 0.03
N ALA C 194 23.93 -36.02 0.11
CA ALA C 194 23.99 -34.76 -0.60
C ALA C 194 24.17 -35.02 -2.10
N THR C 195 23.57 -34.13 -2.91
CA THR C 195 23.43 -34.37 -4.34
C THR C 195 23.96 -33.18 -5.15
N VAL C 196 23.81 -31.97 -4.60
CA VAL C 196 24.19 -30.74 -5.28
C VAL C 196 25.38 -30.13 -4.54
N CYS C 197 26.48 -29.92 -5.27
CA CYS C 197 27.77 -29.58 -4.67
C CYS C 197 28.48 -28.49 -5.45
N GLY C 198 29.10 -27.56 -4.70
CA GLY C 198 29.90 -26.48 -5.26
C GLY C 198 31.25 -26.99 -5.76
N GLN D 1 24.05 21.43 7.74
CA GLN D 1 24.35 20.12 8.38
C GLN D 1 23.82 20.12 9.82
N VAL D 2 23.03 19.10 10.15
CA VAL D 2 22.45 18.94 11.49
C VAL D 2 23.55 18.50 12.45
N GLN D 3 23.69 19.25 13.55
CA GLN D 3 24.66 18.95 14.58
C GLN D 3 23.92 18.66 15.89
N LEU D 4 24.47 17.73 16.68
CA LEU D 4 23.99 17.45 18.03
C LEU D 4 25.02 17.97 19.02
N VAL D 5 24.57 18.84 19.95
CA VAL D 5 25.49 19.50 20.86
C VAL D 5 25.15 19.06 22.29
N GLN D 6 26.16 18.46 22.94
CA GLN D 6 26.01 17.90 24.26
C GLN D 6 26.53 18.89 25.29
N SER D 7 26.07 18.71 26.53
CA SER D 7 26.53 19.51 27.68
C SER D 7 27.94 19.07 28.09
N GLY D 8 28.53 19.85 29.01
CA GLY D 8 29.94 19.73 29.37
C GLY D 8 30.24 18.64 30.39
N ALA D 9 31.55 18.41 30.60
CA ALA D 9 32.08 17.33 31.43
C ALA D 9 31.55 17.44 32.85
N GLU D 10 31.41 16.28 33.50
CA GLU D 10 30.88 16.16 34.85
C GLU D 10 31.79 15.28 35.67
N VAL D 11 32.07 15.71 36.92
CA VAL D 11 32.64 14.86 37.95
C VAL D 11 31.56 14.62 39.02
N LYS D 12 31.32 13.35 39.35
CA LYS D 12 30.20 12.95 40.18
C LYS D 12 30.63 11.92 41.22
N LYS D 13 30.05 12.03 42.43
CA LYS D 13 30.31 11.10 43.51
C LYS D 13 29.58 9.79 43.23
N PRO D 14 30.03 8.63 43.75
CA PRO D 14 29.25 7.39 43.67
C PRO D 14 27.95 7.51 44.46
N GLY D 15 26.87 6.97 43.87
CA GLY D 15 25.55 7.03 44.46
C GLY D 15 24.71 8.19 43.93
N SER D 16 25.36 9.18 43.31
CA SER D 16 24.66 10.33 42.76
C SER D 16 24.09 10.00 41.39
N SER D 17 23.53 11.03 40.74
CA SER D 17 22.96 10.93 39.40
C SER D 17 23.49 12.07 38.53
N VAL D 18 23.53 11.80 37.22
CA VAL D 18 24.01 12.76 36.24
C VAL D 18 22.98 12.86 35.11
N LYS D 19 22.83 14.07 34.55
CA LYS D 19 21.87 14.31 33.50
C LYS D 19 22.58 15.07 32.37
N VAL D 20 22.89 14.33 31.29
CA VAL D 20 23.55 14.86 30.11
C VAL D 20 22.47 15.29 29.10
N SER D 21 22.69 16.45 28.49
CA SER D 21 21.78 16.98 27.49
C SER D 21 22.38 16.82 26.09
N CYS D 22 21.50 16.83 25.08
CA CYS D 22 21.84 16.63 23.69
C CYS D 22 20.84 17.44 22.86
N LYS D 23 21.31 18.55 22.29
CA LYS D 23 20.45 19.51 21.62
C LYS D 23 20.73 19.50 20.13
N ALA D 24 19.66 19.42 19.33
CA ALA D 24 19.75 19.51 17.87
C ALA D 24 19.92 20.97 17.45
N SER D 25 20.94 21.21 16.62
CA SER D 25 21.22 22.54 16.10
C SER D 25 21.30 22.50 14.57
N GLY D 26 20.52 23.38 13.93
CA GLY D 26 20.36 23.39 12.48
C GLY D 26 19.42 22.29 12.00
N GLY D 27 18.52 21.86 12.89
CA GLY D 27 17.56 20.79 12.64
C GLY D 27 16.58 20.62 13.80
N THR D 28 15.71 19.62 13.66
CA THR D 28 14.70 19.29 14.65
C THR D 28 14.64 17.78 14.82
N PHE D 29 14.08 17.32 15.95
CA PHE D 29 13.81 15.90 16.17
C PHE D 29 12.57 15.52 15.36
N SER D 30 12.76 15.35 14.06
CA SER D 30 11.70 15.12 13.10
C SER D 30 11.24 13.65 13.19
N ASN D 31 11.72 12.84 12.24
CA ASN D 31 11.30 11.47 12.04
C ASN D 31 12.37 10.52 12.61
N TYR D 32 13.12 11.00 13.62
CA TYR D 32 14.36 10.39 14.03
C TYR D 32 14.32 9.92 15.48
N ALA D 33 15.05 8.84 15.77
CA ALA D 33 15.28 8.34 17.12
C ALA D 33 16.64 8.83 17.63
N ILE D 34 16.72 9.01 18.95
CA ILE D 34 17.92 9.47 19.63
C ILE D 34 18.43 8.34 20.54
N SER D 35 19.61 7.82 20.19
CA SER D 35 20.29 6.78 20.95
C SER D 35 21.38 7.40 21.83
N TRP D 36 21.71 6.70 22.91
CA TRP D 36 22.84 7.04 23.75
C TRP D 36 23.83 5.87 23.77
N VAL D 37 25.11 6.21 23.58
CA VAL D 37 26.20 5.26 23.48
C VAL D 37 27.33 5.74 24.40
N ARG D 38 27.95 4.81 25.14
CA ARG D 38 29.03 5.19 26.04
C ARG D 38 30.31 4.40 25.74
N GLN D 39 31.44 4.95 26.19
CA GLN D 39 32.76 4.41 25.94
C GLN D 39 33.64 4.72 27.14
N ALA D 40 33.91 3.70 27.96
CA ALA D 40 34.83 3.77 29.08
C ALA D 40 36.24 4.06 28.57
N PRO D 41 37.15 4.64 29.38
CA PRO D 41 38.52 4.94 28.92
C PRO D 41 39.27 3.72 28.35
N GLY D 42 39.79 3.90 27.12
CA GLY D 42 40.57 2.89 26.41
C GLY D 42 39.76 1.68 25.97
N GLN D 43 38.42 1.80 25.95
CA GLN D 43 37.51 0.69 25.73
C GLN D 43 36.67 0.96 24.48
N GLY D 44 35.76 0.02 24.16
CA GLY D 44 34.90 0.09 22.99
C GLY D 44 33.54 0.73 23.30
N LEU D 45 32.58 0.54 22.40
CA LEU D 45 31.29 1.22 22.46
C LEU D 45 30.20 0.29 23.03
N GLU D 46 29.31 0.88 23.82
CA GLU D 46 28.15 0.19 24.37
C GLU D 46 26.90 1.03 24.13
N TRP D 47 25.91 0.43 23.45
CA TRP D 47 24.61 1.03 23.24
C TRP D 47 23.81 0.96 24.54
N MET D 48 23.18 2.09 24.90
CA MET D 48 22.49 2.20 26.18
C MET D 48 20.98 2.07 26.00
N GLY D 49 20.46 2.75 24.97
CA GLY D 49 19.03 2.83 24.73
C GLY D 49 18.71 3.87 23.68
N ARG D 50 17.41 4.04 23.39
CA ARG D 50 16.96 5.00 22.42
C ARG D 50 15.59 5.56 22.83
N ILE D 51 15.37 6.83 22.47
CA ILE D 51 14.08 7.47 22.62
C ILE D 51 13.52 7.79 21.24
N ILE D 52 12.20 7.58 21.08
CA ILE D 52 11.45 8.12 19.96
C ILE D 52 10.78 9.41 20.47
N PRO D 53 11.35 10.59 20.14
CA PRO D 53 10.96 11.85 20.78
C PRO D 53 9.49 12.21 20.59
N ILE D 54 8.96 11.95 19.38
CA ILE D 54 7.60 12.28 18.97
C ILE D 54 6.59 11.72 19.97
N LEU D 55 6.82 10.49 20.43
CA LEU D 55 5.89 9.82 21.33
C LEU D 55 6.49 9.61 22.71
N GLY D 56 7.79 9.97 22.86
CA GLY D 56 8.51 9.85 24.12
C GLY D 56 8.66 8.41 24.60
N ILE D 57 8.82 7.48 23.65
CA ILE D 57 9.03 6.06 23.95
C ILE D 57 10.53 5.84 24.12
N ALA D 58 10.92 5.32 25.29
CA ALA D 58 12.31 5.08 25.62
C ALA D 58 12.50 3.63 26.09
N ASN D 59 13.48 2.96 25.50
CA ASN D 59 13.82 1.60 25.88
C ASN D 59 15.34 1.48 26.02
N TYR D 60 15.75 0.59 26.94
CA TYR D 60 17.14 0.49 27.35
C TYR D 60 17.58 -0.97 27.30
N ALA D 61 18.87 -1.18 27.07
CA ALA D 61 19.49 -2.49 27.15
C ALA D 61 19.36 -3.01 28.59
N GLN D 62 19.24 -4.34 28.72
CA GLN D 62 19.03 -5.04 29.98
C GLN D 62 20.04 -4.59 31.03
N LYS D 63 21.31 -4.46 30.60
CA LYS D 63 22.47 -4.14 31.43
C LYS D 63 22.21 -2.93 32.33
N PHE D 64 21.56 -1.90 31.79
CA PHE D 64 21.39 -0.63 32.48
C PHE D 64 20.02 -0.54 33.16
N GLN D 65 19.01 -1.22 32.59
CA GLN D 65 17.61 -1.08 32.93
C GLN D 65 17.41 -0.94 34.44
N GLY D 66 16.79 0.18 34.82
CA GLY D 66 16.63 0.57 36.21
C GLY D 66 17.35 1.89 36.52
N ARG D 67 18.57 2.04 35.96
CA ARG D 67 19.49 3.10 36.36
C ARG D 67 19.56 4.22 35.34
N VAL D 68 18.94 4.02 34.16
CA VAL D 68 19.00 4.99 33.07
C VAL D 68 17.58 5.43 32.68
N THR D 69 17.41 6.74 32.48
CA THR D 69 16.22 7.33 31.89
C THR D 69 16.63 8.23 30.74
N ILE D 70 16.03 8.00 29.57
CA ILE D 70 16.17 8.89 28.44
C ILE D 70 14.84 9.61 28.23
N THR D 71 14.90 10.94 28.18
CA THR D 71 13.75 11.81 28.01
C THR D 71 14.02 12.75 26.84
N ALA D 72 12.96 13.36 26.31
CA ALA D 72 13.08 14.30 25.22
C ALA D 72 12.12 15.46 25.42
N ASP D 73 12.58 16.66 25.05
CA ASP D 73 11.78 17.87 25.01
C ASP D 73 11.54 18.22 23.54
N LYS D 74 10.29 18.05 23.09
CA LYS D 74 9.92 18.17 21.68
C LYS D 74 10.03 19.61 21.21
N SER D 75 9.78 20.56 22.14
CA SER D 75 9.74 21.98 21.85
C SER D 75 11.14 22.55 21.58
N THR D 76 12.13 22.14 22.40
CA THR D 76 13.48 22.66 22.29
C THR D 76 14.33 21.80 21.36
N SER D 77 13.81 20.61 21.02
CA SER D 77 14.55 19.54 20.35
C SER D 77 15.83 19.23 21.14
N THR D 78 15.62 18.83 22.40
CA THR D 78 16.67 18.51 23.34
C THR D 78 16.36 17.15 23.97
N ALA D 79 17.33 16.24 23.91
CA ALA D 79 17.22 14.95 24.56
C ALA D 79 18.08 14.94 25.83
N TYR D 80 17.64 14.14 26.82
CA TYR D 80 18.33 14.03 28.09
C TYR D 80 18.54 12.56 28.43
N MET D 81 19.74 12.26 28.90
CA MET D 81 20.09 10.97 29.47
C MET D 81 20.42 11.18 30.93
N GLU D 82 19.65 10.52 31.80
CA GLU D 82 19.88 10.59 33.23
C GLU D 82 20.27 9.20 33.74
N LEU D 83 21.48 9.12 34.28
CA LEU D 83 22.01 7.89 34.84
C LEU D 83 22.16 8.09 36.35
N SER D 84 21.53 7.19 37.11
CA SER D 84 21.45 7.28 38.56
C SER D 84 22.16 6.09 39.21
N SER D 85 22.34 6.18 40.53
CA SER D 85 23.08 5.21 41.34
C SER D 85 24.48 4.99 40.76
N LEU D 86 25.13 6.09 40.39
CA LEU D 86 26.42 6.07 39.74
C LEU D 86 27.42 5.26 40.57
N ARG D 87 28.12 4.36 39.89
CA ARG D 87 29.29 3.68 40.40
C ARG D 87 30.49 4.07 39.52
N SER D 88 31.70 3.74 39.98
CA SER D 88 32.93 4.20 39.34
C SER D 88 33.09 3.61 37.94
N GLU D 89 32.49 2.44 37.72
CA GLU D 89 32.50 1.73 36.44
C GLU D 89 31.67 2.46 35.38
N ASP D 90 31.00 3.56 35.77
CA ASP D 90 30.17 4.34 34.87
C ASP D 90 30.96 5.53 34.31
N THR D 91 32.23 5.64 34.70
CA THR D 91 33.17 6.60 34.11
C THR D 91 33.35 6.26 32.63
N ALA D 92 32.99 7.22 31.76
CA ALA D 92 32.97 7.05 30.32
C ALA D 92 32.69 8.39 29.64
N VAL D 93 32.91 8.43 28.33
CA VAL D 93 32.35 9.47 27.50
C VAL D 93 30.99 8.99 26.99
N TYR D 94 29.97 9.84 27.11
CA TYR D 94 28.61 9.52 26.70
C TYR D 94 28.28 10.26 25.40
N TYR D 95 27.90 9.49 24.38
CA TYR D 95 27.50 10.05 23.11
C TYR D 95 25.99 9.91 22.92
N CYS D 96 25.39 10.94 22.33
CA CYS D 96 24.06 10.80 21.73
C CYS D 96 24.25 10.70 20.22
N ALA D 97 23.29 10.05 19.57
CA ALA D 97 23.33 9.80 18.13
C ALA D 97 21.91 9.85 17.56
N ARG D 98 21.78 10.48 16.38
CA ARG D 98 20.56 10.45 15.60
C ARG D 98 20.47 9.11 14.87
N GLY D 99 19.33 8.42 15.02
CA GLY D 99 19.05 7.15 14.37
C GLY D 99 17.68 7.12 13.69
N TYR D 100 17.35 5.97 13.09
CA TYR D 100 16.12 5.76 12.35
C TYR D 100 15.31 4.65 13.02
N TYR D 101 13.99 4.70 12.85
CA TYR D 101 13.07 3.77 13.51
C TYR D 101 11.85 3.45 12.64
N GLU D 102 11.55 4.34 11.67
CA GLU D 102 10.35 4.25 10.85
C GLU D 102 10.56 3.29 9.69
N ALA D 103 9.49 2.55 9.36
CA ALA D 103 9.43 1.62 8.24
C ALA D 103 9.87 2.27 6.94
N ARG D 104 9.63 3.58 6.81
CA ARG D 104 10.06 4.41 5.68
C ARG D 104 11.57 4.31 5.47
N HIS D 105 12.33 4.16 6.56
CA HIS D 105 13.78 4.20 6.56
C HIS D 105 14.38 2.82 6.84
N TYR D 106 13.63 1.76 6.53
CA TYR D 106 14.03 0.37 6.72
C TYR D 106 15.45 0.12 6.20
N TYR D 107 15.84 0.83 5.13
CA TYR D 107 17.07 0.54 4.39
C TYR D 107 18.31 1.02 5.14
N TYR D 108 18.12 1.83 6.19
CA TYR D 108 19.23 2.25 7.03
C TYR D 108 19.58 1.18 8.06
N TYR D 109 18.59 0.31 8.35
CA TYR D 109 18.66 -0.72 9.36
C TYR D 109 19.15 -0.15 10.70
N TYR D 110 18.50 0.95 11.12
CA TYR D 110 18.62 1.55 12.44
C TYR D 110 20.03 2.05 12.74
N ALA D 111 20.78 2.42 11.70
CA ALA D 111 22.13 2.95 11.84
C ALA D 111 22.10 4.39 12.37
N MET D 112 23.24 4.86 12.88
CA MET D 112 23.33 6.13 13.57
C MET D 112 24.28 7.07 12.81
N ASP D 113 23.72 8.14 12.24
CA ASP D 113 24.39 8.88 11.17
C ASP D 113 24.94 10.22 11.66
N VAL D 114 24.35 10.77 12.72
CA VAL D 114 24.80 12.03 13.31
C VAL D 114 25.05 11.80 14.80
N TRP D 115 26.26 12.14 15.25
CA TRP D 115 26.70 11.94 16.63
C TRP D 115 27.05 13.29 17.27
N GLY D 116 26.70 13.44 18.55
CA GLY D 116 27.18 14.53 19.38
C GLY D 116 28.68 14.38 19.67
N GLN D 117 29.29 15.42 20.25
CA GLN D 117 30.73 15.44 20.45
C GLN D 117 31.13 14.58 21.65
N GLY D 118 30.14 14.19 22.46
CA GLY D 118 30.38 13.37 23.65
C GLY D 118 30.52 14.23 24.90
N THR D 119 30.24 13.61 26.05
CA THR D 119 30.37 14.24 27.37
C THR D 119 31.14 13.29 28.29
N ALA D 120 32.27 13.78 28.82
CA ALA D 120 33.06 13.03 29.79
C ALA D 120 32.37 13.05 31.14
N VAL D 121 32.11 11.85 31.68
CA VAL D 121 31.52 11.69 33.00
C VAL D 121 32.50 10.86 33.84
N THR D 122 33.04 11.47 34.89
CA THR D 122 33.98 10.82 35.80
C THR D 122 33.25 10.54 37.11
N VAL D 123 33.20 9.26 37.51
CA VAL D 123 32.62 8.89 38.78
C VAL D 123 33.72 8.41 39.72
N SER D 124 33.85 9.12 40.86
CA SER D 124 34.88 8.87 41.85
C SER D 124 34.48 9.52 43.18
N SER D 125 34.93 8.91 44.28
CA SER D 125 34.69 9.42 45.62
C SER D 125 35.79 10.40 46.04
N ALA D 126 36.78 10.60 45.17
CA ALA D 126 37.98 11.35 45.53
C ALA D 126 37.70 12.85 45.53
N SER D 127 38.46 13.58 46.35
CA SER D 127 38.41 15.02 46.49
C SER D 127 39.37 15.69 45.51
N THR D 128 38.98 16.86 44.99
CA THR D 128 39.84 17.72 44.21
C THR D 128 41.16 17.93 44.95
N LYS D 129 42.27 17.62 44.27
CA LYS D 129 43.60 17.69 44.86
C LYS D 129 44.61 18.07 43.78
N GLY D 130 45.38 19.13 44.06
CA GLY D 130 46.50 19.53 43.23
C GLY D 130 47.64 18.51 43.28
N PRO D 131 48.49 18.42 42.23
CA PRO D 131 49.53 17.38 42.18
C PRO D 131 50.79 17.68 42.97
N SER D 132 51.45 16.63 43.43
CA SER D 132 52.86 16.69 43.82
C SER D 132 53.69 16.40 42.58
N VAL D 133 54.81 17.10 42.43
CA VAL D 133 55.66 16.97 41.25
C VAL D 133 57.08 16.64 41.71
N PHE D 134 57.52 15.42 41.37
CA PHE D 134 58.83 14.92 41.75
C PHE D 134 59.73 14.88 40.51
N PRO D 135 61.05 15.15 40.65
CA PRO D 135 61.97 15.04 39.51
C PRO D 135 62.27 13.61 39.10
N LEU D 136 62.48 13.41 37.79
CA LEU D 136 63.02 12.17 37.26
C LEU D 136 64.42 12.47 36.73
N ALA D 137 65.43 11.96 37.44
CA ALA D 137 66.82 12.19 37.12
C ALA D 137 67.57 10.87 37.19
N PRO D 138 68.53 10.60 36.25
CA PRO D 138 69.30 9.36 36.28
C PRO D 138 70.19 9.27 37.52
N CYS D 139 70.42 8.03 37.99
CA CYS D 139 71.31 7.71 39.08
C CYS D 139 72.75 7.58 38.56
N SER D 140 73.24 8.66 37.93
CA SER D 140 74.46 8.65 37.13
C SER D 140 75.71 8.62 38.03
N SER D 144 78.78 8.35 31.73
CA SER D 144 77.45 8.71 31.23
C SER D 144 77.40 8.53 29.71
N GLU D 145 76.21 8.15 29.22
CA GLU D 145 75.96 7.82 27.82
C GLU D 145 75.84 9.10 27.00
N SER D 146 75.62 8.94 25.68
CA SER D 146 75.51 10.03 24.73
C SER D 146 74.25 10.85 25.00
N THR D 147 73.11 10.16 25.11
CA THR D 147 71.80 10.74 25.39
C THR D 147 71.40 10.43 26.83
N ALA D 148 70.86 11.44 27.51
CA ALA D 148 70.28 11.31 28.84
C ALA D 148 68.77 11.56 28.77
N ALA D 149 68.05 11.08 29.79
CA ALA D 149 66.64 11.42 29.95
C ALA D 149 66.41 12.09 31.30
N LEU D 150 65.47 13.05 31.29
CA LEU D 150 65.02 13.79 32.45
C LEU D 150 63.51 13.85 32.39
N GLY D 151 62.86 13.95 33.55
CA GLY D 151 61.43 14.18 33.52
C GLY D 151 60.88 14.68 34.85
N CYS D 152 59.55 14.73 34.90
CA CYS D 152 58.81 14.93 36.15
CA CYS D 152 58.87 14.87 36.19
C CYS D 152 57.75 13.85 36.31
N LEU D 153 57.55 13.41 37.55
CA LEU D 153 56.46 12.50 37.89
C LEU D 153 55.38 13.33 38.59
N VAL D 154 54.22 13.41 37.95
CA VAL D 154 53.11 14.22 38.42
C VAL D 154 52.11 13.29 39.11
N LYS D 155 52.12 13.30 40.45
CA LYS D 155 51.48 12.27 41.26
C LYS D 155 50.39 12.86 42.15
N ASP D 156 49.37 12.05 42.43
CA ASP D 156 48.39 12.28 43.50
C ASP D 156 47.49 13.48 43.20
N TYR D 157 46.91 13.52 41.99
CA TYR D 157 45.97 14.59 41.67
C TYR D 157 44.62 14.00 41.26
N PHE D 158 43.59 14.85 41.41
CA PHE D 158 42.22 14.57 41.02
C PHE D 158 41.48 15.89 40.85
N PRO D 159 40.64 16.00 39.83
CA PRO D 159 40.53 15.02 38.75
C PRO D 159 41.47 15.36 37.61
N GLU D 160 41.39 14.58 36.52
CA GLU D 160 42.01 14.92 35.26
C GLU D 160 41.36 16.21 34.75
N PRO D 161 42.08 17.03 33.96
CA PRO D 161 43.43 16.75 33.48
C PRO D 161 44.53 17.66 34.03
N VAL D 162 45.80 17.24 33.85
CA VAL D 162 46.93 18.15 33.97
C VAL D 162 47.52 18.39 32.58
N THR D 163 48.01 19.62 32.34
CA THR D 163 48.83 19.91 31.17
C THR D 163 50.26 20.09 31.64
N VAL D 164 51.21 19.67 30.80
CA VAL D 164 52.63 19.73 31.12
C VAL D 164 53.36 20.46 30.00
N SER D 165 54.29 21.34 30.39
CA SER D 165 55.21 21.92 29.43
C SER D 165 56.61 21.88 30.02
N TRP D 166 57.60 22.08 29.15
CA TRP D 166 58.99 22.16 29.56
C TRP D 166 59.54 23.53 29.19
N ASN D 167 60.23 24.15 30.16
CA ASN D 167 60.90 25.44 30.02
C ASN D 167 59.93 26.47 29.43
N SER D 168 58.69 26.48 29.97
CA SER D 168 57.61 27.40 29.61
C SER D 168 57.18 27.23 28.16
N GLY D 169 57.44 26.05 27.59
CA GLY D 169 57.03 25.74 26.22
C GLY D 169 58.15 25.97 25.22
N ALA D 170 59.36 26.24 25.73
CA ALA D 170 60.53 26.48 24.89
C ALA D 170 61.09 25.15 24.39
N LEU D 171 60.92 24.10 25.21
CA LEU D 171 61.42 22.77 24.91
C LEU D 171 60.25 21.86 24.56
N THR D 172 60.19 21.42 23.30
CA THR D 172 59.06 20.61 22.83
C THR D 172 59.50 19.32 22.15
N SER D 173 60.66 19.35 21.46
CA SER D 173 61.10 18.18 20.70
C SER D 173 61.78 17.20 21.64
N GLY D 174 61.42 15.91 21.48
CA GLY D 174 61.93 14.85 22.33
C GLY D 174 61.19 14.75 23.67
N VAL D 175 60.10 15.51 23.80
CA VAL D 175 59.23 15.50 24.97
C VAL D 175 58.15 14.45 24.76
N HIS D 176 57.93 13.64 25.82
CA HIS D 176 56.83 12.69 25.87
C HIS D 176 56.06 12.90 27.17
N THR D 177 54.78 13.24 27.03
CA THR D 177 53.89 13.34 28.17
C THR D 177 52.87 12.21 28.04
N PHE D 178 52.88 11.31 29.03
CA PHE D 178 52.17 10.05 28.94
C PHE D 178 50.74 10.20 29.46
N PRO D 179 49.80 9.32 29.05
CA PRO D 179 48.49 9.24 29.69
C PRO D 179 48.64 8.92 31.18
N ALA D 180 47.78 9.55 32.00
CA ALA D 180 47.70 9.32 33.43
C ALA D 180 47.22 7.89 33.69
N VAL D 181 47.68 7.32 34.81
CA VAL D 181 47.13 6.09 35.36
C VAL D 181 46.40 6.42 36.66
N LEU D 182 45.30 5.71 36.91
CA LEU D 182 44.56 5.80 38.15
C LEU D 182 45.14 4.82 39.17
N GLN D 183 45.70 5.37 40.26
CA GLN D 183 46.27 4.57 41.35
C GLN D 183 45.16 4.05 42.25
N SER D 184 45.50 3.05 43.09
CA SER D 184 44.56 2.37 43.96
C SER D 184 43.96 3.31 45.01
N SER D 185 44.63 4.44 45.26
CA SER D 185 44.20 5.49 46.18
C SER D 185 43.07 6.32 45.57
N GLY D 186 42.79 6.12 44.27
CA GLY D 186 41.78 6.88 43.56
C GLY D 186 42.33 8.19 42.98
N LEU D 187 43.64 8.43 43.16
CA LEU D 187 44.31 9.62 42.63
C LEU D 187 45.10 9.25 41.37
N TYR D 188 45.32 10.23 40.49
CA TYR D 188 46.00 9.99 39.22
C TYR D 188 47.49 10.28 39.33
N SER D 189 48.25 9.75 38.36
CA SER D 189 49.69 9.85 38.29
C SER D 189 50.14 9.78 36.83
N LEU D 190 50.96 10.74 36.40
CA LEU D 190 51.54 10.70 35.07
C LEU D 190 53.01 11.13 35.05
N SER D 191 53.69 10.73 33.97
CA SER D 191 55.08 11.08 33.77
CA SER D 191 55.08 11.10 33.77
C SER D 191 55.19 12.00 32.55
N SER D 192 56.16 12.90 32.59
CA SER D 192 56.54 13.66 31.41
C SER D 192 58.06 13.62 31.34
N VAL D 193 58.58 13.18 30.18
CA VAL D 193 60.01 12.99 30.03
C VAL D 193 60.51 13.82 28.85
N VAL D 194 61.83 14.05 28.85
CA VAL D 194 62.52 14.58 27.68
C VAL D 194 63.90 13.93 27.61
N THR D 195 64.30 13.51 26.40
CA THR D 195 65.67 13.08 26.15
C THR D 195 66.48 14.28 25.64
N VAL D 196 67.69 14.40 26.17
CA VAL D 196 68.57 15.54 25.93
C VAL D 196 70.00 15.03 25.70
N PRO D 197 70.89 15.82 25.06
CA PRO D 197 72.33 15.51 25.07
C PRO D 197 72.85 15.59 26.51
N SER D 198 73.63 14.57 26.91
CA SER D 198 74.14 14.49 28.26
C SER D 198 75.30 15.45 28.47
N SER D 199 75.88 15.96 27.36
CA SER D 199 76.83 17.05 27.40
C SER D 199 76.18 18.30 28.00
N SER D 200 74.89 18.49 27.73
CA SER D 200 74.11 19.60 28.26
C SER D 200 73.26 19.16 29.45
N LEU D 201 73.95 18.72 30.52
CA LEU D 201 73.36 18.54 31.83
C LEU D 201 74.07 19.48 32.80
N GLY D 202 73.89 20.78 32.56
CA GLY D 202 74.63 21.85 33.23
C GLY D 202 74.65 23.10 32.36
N THR D 203 74.78 22.88 31.04
CA THR D 203 74.67 23.90 30.01
C THR D 203 73.26 24.49 30.01
N LYS D 204 72.29 23.73 30.54
CA LYS D 204 70.91 24.14 30.60
C LYS D 204 70.27 23.64 31.90
N THR D 205 69.32 24.42 32.42
CA THR D 205 68.40 23.96 33.45
C THR D 205 67.13 23.45 32.78
N TYR D 206 66.44 22.52 33.46
CA TYR D 206 65.26 21.88 32.93
C TYR D 206 64.15 21.95 33.98
N THR D 207 63.02 22.52 33.56
CA THR D 207 61.90 22.84 34.43
C THR D 207 60.61 22.40 33.75
N CYS D 208 59.84 21.59 34.45
CA CYS D 208 58.53 21.22 33.94
C CYS D 208 57.45 22.06 34.60
N ASN D 209 56.48 22.49 33.79
CA ASN D 209 55.44 23.39 34.19
C ASN D 209 54.13 22.61 34.17
N VAL D 210 53.59 22.37 35.37
CA VAL D 210 52.41 21.55 35.55
C VAL D 210 51.24 22.46 35.89
N ASP D 211 50.17 22.35 35.10
CA ASP D 211 48.95 23.13 35.27
C ASP D 211 47.79 22.20 35.59
N HIS D 212 47.17 22.42 36.74
CA HIS D 212 45.98 21.69 37.17
C HIS D 212 44.83 22.66 37.43
N LYS D 213 44.05 22.93 36.37
CA LYS D 213 42.94 23.88 36.41
C LYS D 213 41.91 23.50 37.47
N PRO D 214 41.48 22.21 37.62
CA PRO D 214 40.46 21.86 38.62
C PRO D 214 40.72 22.30 40.06
N SER D 215 42.00 22.48 40.43
CA SER D 215 42.36 22.98 41.74
C SER D 215 43.00 24.38 41.68
N ASN D 216 42.99 25.02 40.50
CA ASN D 216 43.57 26.34 40.27
C ASN D 216 45.04 26.36 40.71
N THR D 217 45.73 25.24 40.48
CA THR D 217 47.09 25.03 40.95
C THR D 217 48.02 24.92 39.74
N LYS D 218 49.19 25.58 39.85
CA LYS D 218 50.28 25.46 38.89
C LYS D 218 51.55 25.15 39.68
N VAL D 219 52.29 24.12 39.22
CA VAL D 219 53.55 23.73 39.82
C VAL D 219 54.65 23.84 38.76
N ASP D 220 55.77 24.46 39.15
CA ASP D 220 56.97 24.50 38.34
C ASP D 220 58.09 23.81 39.11
N LYS D 221 58.70 22.80 38.49
CA LYS D 221 59.71 21.99 39.15
C LYS D 221 60.99 21.97 38.33
N ARG D 222 62.09 22.41 38.96
CA ARG D 222 63.42 22.33 38.40
C ARG D 222 63.95 20.92 38.66
N VAL D 223 64.35 20.24 37.57
CA VAL D 223 64.86 18.88 37.62
C VAL D 223 66.36 18.95 37.91
N HIS D 224 66.77 18.35 39.03
CA HIS D 224 68.12 18.51 39.55
C HIS D 224 69.06 17.45 39.00
N HIS D 225 69.09 17.35 37.67
CA HIS D 225 70.02 16.56 36.85
C HIS D 225 70.43 15.26 37.56
N ASP E 1 21.36 -11.81 23.39
CA ASP E 1 22.48 -10.90 23.05
C ASP E 1 23.35 -11.55 21.97
N ILE E 2 23.46 -10.88 20.82
CA ILE E 2 24.31 -11.32 19.73
C ILE E 2 25.71 -10.77 19.98
N GLN E 3 26.69 -11.69 20.08
CA GLN E 3 28.09 -11.34 20.31
C GLN E 3 28.77 -11.06 18.97
N MET E 4 29.47 -9.92 18.91
CA MET E 4 30.17 -9.47 17.72
C MET E 4 31.68 -9.49 17.98
N THR E 5 32.41 -10.28 17.17
CA THR E 5 33.85 -10.34 17.28
C THR E 5 34.50 -9.81 16.00
N GLN E 6 35.34 -8.77 16.17
CA GLN E 6 36.13 -8.21 15.09
C GLN E 6 37.54 -8.76 15.15
N SER E 7 38.18 -8.85 13.97
CA SER E 7 39.60 -9.17 13.89
C SER E 7 40.19 -8.55 12.62
N PRO E 8 41.49 -8.21 12.64
CA PRO E 8 42.33 -8.26 13.83
C PRO E 8 42.00 -7.13 14.79
N SER E 9 42.51 -7.21 16.03
CA SER E 9 42.31 -6.15 17.01
C SER E 9 43.05 -4.89 16.60
N SER E 10 44.20 -5.06 15.91
CA SER E 10 44.93 -3.97 15.29
C SER E 10 45.71 -4.48 14.09
N LEU E 11 46.01 -3.56 13.17
CA LEU E 11 46.90 -3.85 12.06
C LEU E 11 47.73 -2.60 11.74
N SER E 12 48.93 -2.84 11.20
CA SER E 12 49.80 -1.79 10.71
C SER E 12 49.71 -1.78 9.19
N ALA E 13 49.68 -0.57 8.61
CA ALA E 13 49.50 -0.43 7.18
C ALA E 13 50.20 0.83 6.68
N SER E 14 50.51 0.84 5.38
CA SER E 14 51.11 2.00 4.74
C SER E 14 50.08 2.65 3.82
N VAL E 15 50.30 3.93 3.52
CA VAL E 15 49.53 4.68 2.55
C VAL E 15 49.58 3.95 1.21
N GLY E 16 48.40 3.72 0.63
CA GLY E 16 48.25 3.04 -0.65
C GLY E 16 47.79 1.59 -0.51
N ASP E 17 47.79 1.06 0.72
CA ASP E 17 47.51 -0.35 0.96
C ASP E 17 46.01 -0.64 0.83
N ARG E 18 45.72 -1.91 0.52
CA ARG E 18 44.38 -2.48 0.62
C ARG E 18 44.25 -3.13 2.00
N VAL E 19 43.27 -2.65 2.76
CA VAL E 19 43.06 -3.06 4.14
C VAL E 19 41.70 -3.74 4.26
N THR E 20 41.66 -4.85 5.03
CA THR E 20 40.48 -5.67 5.22
C THR E 20 40.31 -5.95 6.72
N ILE E 21 39.14 -5.56 7.24
CA ILE E 21 38.75 -5.77 8.63
C ILE E 21 37.52 -6.66 8.61
N THR E 22 37.53 -7.73 9.42
CA THR E 22 36.42 -8.67 9.43
C THR E 22 35.61 -8.53 10.71
N CYS E 23 34.30 -8.74 10.59
CA CYS E 23 33.38 -8.70 11.72
C CYS E 23 32.46 -9.92 11.63
N ARG E 24 32.51 -10.77 12.66
CA ARG E 24 31.73 -12.00 12.71
C ARG E 24 30.71 -11.91 13.84
N ALA E 25 29.44 -12.21 13.51
CA ALA E 25 28.34 -12.23 14.45
C ALA E 25 28.10 -13.67 14.92
N SER E 26 27.49 -13.82 16.11
CA SER E 26 27.26 -15.13 16.72
C SER E 26 26.10 -15.87 16.05
N GLN E 27 25.33 -15.15 15.21
CA GLN E 27 24.27 -15.73 14.38
C GLN E 27 24.01 -14.81 13.18
N SER E 28 23.31 -15.33 12.16
CA SER E 28 22.90 -14.58 10.99
C SER E 28 22.15 -13.32 11.41
N ILE E 29 22.53 -12.19 10.80
CA ILE E 29 21.99 -10.88 11.15
C ILE E 29 21.58 -10.12 9.88
N SER E 30 21.39 -10.85 8.78
CA SER E 30 20.91 -10.31 7.52
C SER E 30 21.79 -9.14 7.09
N SER E 31 21.20 -7.94 6.99
CA SER E 31 21.94 -6.76 6.56
C SER E 31 21.98 -5.70 7.69
N TYR E 32 21.77 -6.16 8.93
CA TYR E 32 21.65 -5.29 10.10
C TYR E 32 23.03 -5.04 10.71
N LEU E 33 23.92 -4.44 9.91
CA LEU E 33 25.32 -4.29 10.25
C LEU E 33 25.80 -2.93 9.74
N SER E 34 26.43 -2.15 10.63
CA SER E 34 26.97 -0.84 10.31
C SER E 34 28.45 -0.76 10.68
N TRP E 35 29.21 0.07 9.94
CA TRP E 35 30.62 0.32 10.20
C TRP E 35 30.82 1.78 10.61
N TYR E 36 31.62 1.99 11.66
CA TYR E 36 31.89 3.31 12.22
C TYR E 36 33.40 3.53 12.37
N GLN E 37 33.82 4.77 12.10
CA GLN E 37 35.19 5.22 12.24
C GLN E 37 35.28 6.13 13.48
N GLN E 38 36.32 5.93 14.29
CA GLN E 38 36.56 6.80 15.44
C GLN E 38 38.04 7.13 15.56
N LYS E 39 38.30 8.43 15.71
CA LYS E 39 39.65 8.95 15.94
C LYS E 39 39.76 9.34 17.40
N PRO E 40 41.00 9.40 17.98
CA PRO E 40 41.20 9.86 19.35
C PRO E 40 40.50 11.19 19.69
N GLY E 41 39.69 11.15 20.75
CA GLY E 41 39.05 12.33 21.31
C GLY E 41 37.84 12.82 20.51
N LYS E 42 37.33 11.99 19.59
CA LYS E 42 36.24 12.41 18.73
C LYS E 42 35.15 11.35 18.68
N ALA E 43 33.96 11.78 18.20
CA ALA E 43 32.78 10.95 18.04
C ALA E 43 33.01 9.91 16.95
N PRO E 44 32.35 8.72 17.00
CA PRO E 44 32.25 7.85 15.84
C PRO E 44 31.55 8.51 14.66
N LYS E 45 31.88 8.03 13.45
CA LYS E 45 31.29 8.48 12.20
C LYS E 45 30.82 7.25 11.43
N LEU E 46 29.57 7.31 10.94
CA LEU E 46 29.01 6.24 10.13
C LEU E 46 29.74 6.19 8.79
N LEU E 47 30.20 4.98 8.41
CA LEU E 47 30.83 4.78 7.12
C LEU E 47 29.89 4.03 6.19
N ILE E 48 29.30 2.95 6.71
CA ILE E 48 28.60 1.91 5.98
C ILE E 48 27.39 1.47 6.81
N TYR E 49 26.21 1.51 6.18
CA TYR E 49 25.01 0.92 6.75
C TYR E 49 24.53 -0.17 5.81
N ALA E 50 23.64 -1.03 6.31
CA ALA E 50 23.01 -2.10 5.54
C ALA E 50 24.06 -3.05 4.96
N ALA E 51 25.18 -3.19 5.69
CA ALA E 51 26.31 -4.07 5.38
C ALA E 51 27.16 -3.58 4.21
N SER E 52 26.56 -2.90 3.22
CA SER E 52 27.22 -2.62 1.95
CA SER E 52 27.24 -2.61 1.97
C SER E 52 26.96 -1.19 1.47
N SER E 53 25.94 -0.53 2.03
CA SER E 53 25.57 0.79 1.54
C SER E 53 26.51 1.84 2.12
N LEU E 54 27.07 2.65 1.21
CA LEU E 54 28.07 3.66 1.51
C LEU E 54 27.35 4.94 1.92
N GLN E 55 27.74 5.48 3.08
CA GLN E 55 27.15 6.71 3.60
C GLN E 55 27.60 7.89 2.74
N SER E 56 26.67 8.81 2.48
CA SER E 56 26.94 10.02 1.72
C SER E 56 28.05 10.84 2.38
N GLY E 57 29.01 11.29 1.57
CA GLY E 57 30.13 12.10 2.03
C GLY E 57 31.30 11.25 2.53
N VAL E 58 31.21 9.93 2.35
CA VAL E 58 32.27 8.99 2.70
C VAL E 58 32.94 8.54 1.40
N PRO E 59 34.30 8.58 1.31
CA PRO E 59 35.00 8.26 0.06
C PRO E 59 34.77 6.82 -0.40
N SER E 60 34.83 6.63 -1.73
CA SER E 60 34.48 5.37 -2.37
C SER E 60 35.61 4.35 -2.26
N ARG E 61 36.69 4.71 -1.55
CA ARG E 61 37.75 3.77 -1.22
C ARG E 61 37.28 2.81 -0.12
N PHE E 62 36.33 3.29 0.70
CA PHE E 62 35.65 2.48 1.70
C PHE E 62 34.52 1.70 1.02
N SER E 63 34.45 0.42 1.35
CA SER E 63 33.33 -0.43 0.96
C SER E 63 33.17 -1.55 1.98
N GLY E 64 31.93 -2.01 2.13
CA GLY E 64 31.62 -3.15 2.99
C GLY E 64 30.94 -4.25 2.17
N SER E 65 31.08 -5.48 2.65
CA SER E 65 30.40 -6.62 2.07
C SER E 65 30.15 -7.67 3.15
N GLY E 66 29.56 -8.80 2.75
CA GLY E 66 29.32 -9.91 3.64
C GLY E 66 27.83 -10.23 3.77
N SER E 67 27.56 -11.47 4.18
CA SER E 67 26.20 -11.98 4.31
C SER E 67 26.14 -12.97 5.47
N GLY E 68 25.10 -12.84 6.29
CA GLY E 68 24.80 -13.77 7.37
C GLY E 68 25.54 -13.41 8.65
N THR E 69 26.65 -14.11 8.89
CA THR E 69 27.45 -13.99 10.10
C THR E 69 28.72 -13.18 9.83
N ASP E 70 29.28 -13.34 8.63
CA ASP E 70 30.62 -12.86 8.32
C ASP E 70 30.55 -11.59 7.46
N PHE E 71 31.25 -10.54 7.91
CA PHE E 71 31.21 -9.23 7.27
C PHE E 71 32.61 -8.64 7.21
N THR E 72 32.87 -7.84 6.18
CA THR E 72 34.16 -7.23 5.97
C THR E 72 34.00 -5.76 5.57
N LEU E 73 34.88 -4.91 6.12
CA LEU E 73 35.06 -3.56 5.62
C LEU E 73 36.41 -3.49 4.90
N THR E 74 36.41 -2.89 3.71
CA THR E 74 37.59 -2.79 2.88
C THR E 74 37.91 -1.33 2.60
N ILE E 75 39.19 -1.00 2.73
CA ILE E 75 39.77 0.27 2.32
C ILE E 75 40.78 -0.06 1.23
N THR E 76 40.46 0.33 -0.01
CA THR E 76 41.14 -0.15 -1.20
C THR E 76 42.51 0.50 -1.33
N SER E 77 42.57 1.81 -1.06
CA SER E 77 43.80 2.59 -1.14
C SER E 77 43.88 3.50 0.08
N LEU E 78 44.51 2.98 1.15
CA LEU E 78 44.52 3.61 2.47
C LEU E 78 45.24 4.96 2.42
N GLN E 79 44.58 5.97 2.97
CA GLN E 79 45.04 7.35 2.94
C GLN E 79 45.43 7.76 4.36
N PRO E 80 46.29 8.81 4.53
CA PRO E 80 46.72 9.25 5.87
C PRO E 80 45.60 9.46 6.89
N GLU E 81 44.46 10.01 6.46
CA GLU E 81 43.41 10.32 7.41
C GLU E 81 42.53 9.09 7.70
N ASP E 82 42.93 7.92 7.16
CA ASP E 82 42.20 6.68 7.38
C ASP E 82 42.70 5.95 8.62
N PHE E 83 43.81 6.42 9.21
CA PHE E 83 44.35 5.84 10.43
C PHE E 83 43.45 6.19 11.61
N ALA E 84 42.81 5.16 12.18
CA ALA E 84 41.67 5.29 13.06
C ALA E 84 41.29 3.92 13.63
N THR E 85 40.32 3.92 14.55
CA THR E 85 39.69 2.69 15.03
C THR E 85 38.35 2.50 14.31
N TYR E 86 38.03 1.24 13.99
CA TYR E 86 36.87 0.86 13.21
C TYR E 86 36.02 -0.12 14.00
N TYR E 87 34.73 0.20 14.12
CA TYR E 87 33.78 -0.60 14.88
C TYR E 87 32.66 -1.08 13.96
N CYS E 88 32.28 -2.36 14.09
CA CYS E 88 31.05 -2.86 13.50
C CYS E 88 29.95 -2.85 14.56
N GLN E 89 28.69 -2.72 14.12
CA GLN E 89 27.55 -2.73 15.02
C GLN E 89 26.40 -3.51 14.39
N GLN E 90 25.83 -4.45 15.17
CA GLN E 90 24.62 -5.15 14.79
C GLN E 90 23.41 -4.41 15.34
N SER E 91 22.37 -4.29 14.51
CA SER E 91 21.13 -3.62 14.86
C SER E 91 19.95 -4.59 14.71
N TYR E 92 20.26 -5.89 14.69
CA TYR E 92 19.32 -6.98 14.51
C TYR E 92 18.37 -7.05 15.72
N SER E 93 18.95 -6.98 16.92
CA SER E 93 18.17 -7.06 18.15
C SER E 93 18.89 -6.33 19.28
N THR E 94 18.17 -6.14 20.40
CA THR E 94 18.69 -5.48 21.59
C THR E 94 19.52 -6.49 22.39
N PRO E 95 20.67 -6.04 22.93
CA PRO E 95 21.24 -4.71 22.71
C PRO E 95 22.00 -4.68 21.39
N ARG E 96 22.17 -3.47 20.86
CA ARG E 96 22.74 -3.29 19.53
C ARG E 96 24.26 -3.29 19.65
N THR E 97 24.81 -4.50 19.81
CA THR E 97 26.16 -4.73 20.30
C THR E 97 27.19 -4.37 19.22
N PHE E 98 28.30 -3.79 19.69
CA PHE E 98 29.43 -3.40 18.87
C PHE E 98 30.52 -4.47 18.96
N GLY E 99 31.28 -4.62 17.87
CA GLY E 99 32.58 -5.28 17.92
C GLY E 99 33.56 -4.46 18.77
N GLN E 100 34.62 -5.14 19.23
CA GLN E 100 35.58 -4.56 20.15
C GLN E 100 36.48 -3.55 19.43
N GLY E 101 36.41 -3.51 18.08
CA GLY E 101 37.09 -2.49 17.32
C GLY E 101 38.42 -2.96 16.71
N THR E 102 38.85 -2.22 15.69
CA THR E 102 40.08 -2.51 14.96
C THR E 102 40.84 -1.20 14.79
N LYS E 103 42.02 -1.12 15.41
CA LYS E 103 42.88 0.04 15.28
C LYS E 103 43.78 -0.14 14.06
N VAL E 104 43.78 0.87 13.18
CA VAL E 104 44.63 0.85 12.00
C VAL E 104 45.77 1.83 12.23
N GLU E 105 47.00 1.28 12.25
CA GLU E 105 48.21 1.97 12.69
C GLU E 105 49.16 2.16 11.50
N ILE E 106 50.11 3.08 11.64
CA ILE E 106 51.12 3.35 10.63
C ILE E 106 52.21 2.29 10.74
N LYS E 107 52.50 1.61 9.62
CA LYS E 107 53.60 0.67 9.51
C LYS E 107 54.90 1.45 9.35
N ARG E 108 55.96 0.94 9.98
CA ARG E 108 57.30 1.46 9.84
C ARG E 108 58.28 0.35 10.21
N THR E 109 59.57 0.63 10.04
CA THR E 109 60.64 -0.31 10.37
C THR E 109 60.76 -0.44 11.88
N VAL E 110 61.26 -1.59 12.32
CA VAL E 110 61.53 -1.88 13.72
C VAL E 110 62.53 -0.85 14.26
N ALA E 111 62.26 -0.35 15.47
CA ALA E 111 63.16 0.54 16.19
C ALA E 111 63.21 0.10 17.65
N ALA E 112 64.43 -0.21 18.12
CA ALA E 112 64.67 -0.59 19.49
C ALA E 112 64.50 0.64 20.39
N PRO E 113 63.91 0.49 21.60
CA PRO E 113 63.78 1.63 22.52
C PRO E 113 65.12 2.03 23.14
N SER E 114 65.29 3.33 23.37
CA SER E 114 66.20 3.81 24.40
C SER E 114 65.54 3.53 25.75
N VAL E 115 66.28 2.90 26.67
CA VAL E 115 65.76 2.54 27.97
C VAL E 115 66.47 3.38 29.03
N PHE E 116 65.68 3.99 29.91
CA PHE E 116 66.16 4.79 31.01
C PHE E 116 65.39 4.39 32.27
N ILE E 117 66.09 4.43 33.41
CA ILE E 117 65.50 4.11 34.71
C ILE E 117 65.80 5.26 35.67
N PHE E 118 64.80 5.64 36.47
CA PHE E 118 64.92 6.77 37.36
C PHE E 118 64.68 6.32 38.80
N PRO E 119 65.62 6.58 39.73
CA PRO E 119 65.37 6.35 41.15
C PRO E 119 64.31 7.32 41.68
N PRO E 120 63.62 6.98 42.79
CA PRO E 120 62.74 7.94 43.47
C PRO E 120 63.58 9.09 44.01
N SER E 121 62.98 10.28 44.01
CA SER E 121 63.56 11.49 44.56
C SER E 121 63.56 11.43 46.08
N ASP E 122 64.51 12.15 46.69
CA ASP E 122 64.62 12.29 48.14
C ASP E 122 63.34 12.89 48.71
N GLU E 123 62.81 13.90 48.00
CA GLU E 123 61.58 14.58 48.34
C GLU E 123 60.43 13.59 48.56
N GLN E 124 60.28 12.63 47.62
CA GLN E 124 59.19 11.66 47.67
C GLN E 124 59.41 10.71 48.85
N LEU E 125 60.68 10.32 49.07
CA LEU E 125 61.02 9.29 50.04
C LEU E 125 60.64 9.73 51.45
N LYS E 126 60.69 11.05 51.69
CA LYS E 126 60.34 11.63 52.97
C LYS E 126 58.86 11.39 53.30
N SER E 127 58.05 11.08 52.27
CA SER E 127 56.61 10.89 52.41
C SER E 127 56.25 9.43 52.71
N GLY E 128 57.20 8.50 52.53
CA GLY E 128 57.02 7.10 52.89
C GLY E 128 56.71 6.19 51.70
N THR E 129 56.79 6.74 50.48
CA THR E 129 56.53 6.00 49.26
C THR E 129 57.67 6.24 48.27
N ALA E 130 58.00 5.21 47.49
CA ALA E 130 59.01 5.26 46.46
C ALA E 130 58.40 4.87 45.11
N SER E 131 58.54 5.76 44.13
CA SER E 131 58.19 5.49 42.75
C SER E 131 59.47 5.36 41.93
N VAL E 132 59.65 4.18 41.33
CA VAL E 132 60.73 3.98 40.36
C VAL E 132 60.10 3.99 38.98
N VAL E 133 60.72 4.74 38.06
CA VAL E 133 60.13 4.97 36.75
C VAL E 133 61.09 4.48 35.68
N CYS E 134 60.52 3.79 34.68
CA CYS E 134 61.24 3.28 33.53
C CYS E 134 60.62 3.90 32.28
N LEU E 135 61.47 4.48 31.43
CA LEU E 135 61.07 5.03 30.15
C LEU E 135 61.62 4.16 29.03
N LEU E 136 60.74 3.80 28.09
CA LEU E 136 61.12 3.25 26.80
C LEU E 136 60.81 4.28 25.73
N ASN E 137 61.86 4.78 25.08
CA ASN E 137 61.75 5.96 24.23
C ASN E 137 61.85 5.55 22.77
N ASN E 138 60.81 5.89 21.99
CA ASN E 138 60.81 5.88 20.53
C ASN E 138 61.11 4.49 19.98
N PHE E 139 60.16 3.58 20.17
CA PHE E 139 60.30 2.21 19.72
C PHE E 139 59.18 1.83 18.76
N TYR E 140 59.43 0.76 18.00
CA TYR E 140 58.45 0.11 17.13
C TYR E 140 58.88 -1.35 16.94
N PRO E 141 57.92 -2.30 17.00
CA PRO E 141 56.49 -2.10 17.12
C PRO E 141 55.97 -1.92 18.55
N ARG E 142 54.65 -1.71 18.69
CA ARG E 142 54.01 -1.29 19.92
C ARG E 142 54.12 -2.38 20.99
N GLU E 143 54.03 -3.64 20.58
CA GLU E 143 54.07 -4.77 21.49
C GLU E 143 55.45 -4.84 22.15
N ALA E 144 55.46 -4.63 23.47
CA ALA E 144 56.63 -4.76 24.32
C ALA E 144 56.21 -5.28 25.69
N LYS E 145 57.02 -6.18 26.24
CA LYS E 145 56.82 -6.69 27.58
C LYS E 145 57.80 -5.98 28.50
N VAL E 146 57.27 -5.33 29.53
CA VAL E 146 58.06 -4.56 30.49
C VAL E 146 57.92 -5.22 31.86
N GLN E 147 59.08 -5.49 32.49
CA GLN E 147 59.14 -6.17 33.77
C GLN E 147 60.11 -5.46 34.70
N TRP E 148 59.78 -5.48 35.99
CA TRP E 148 60.59 -4.88 37.05
C TRP E 148 61.27 -5.97 37.86
N LYS E 149 62.53 -5.70 38.24
CA LYS E 149 63.32 -6.57 39.11
C LYS E 149 63.93 -5.75 40.24
N VAL E 150 63.76 -6.27 41.47
CA VAL E 150 64.37 -5.74 42.67
C VAL E 150 65.30 -6.83 43.21
N ASP E 151 66.61 -6.56 43.19
CA ASP E 151 67.67 -7.53 43.44
C ASP E 151 67.42 -8.82 42.65
N ASN E 152 67.17 -8.67 41.34
CA ASN E 152 66.97 -9.75 40.40
C ASN E 152 65.73 -10.59 40.70
N ALA E 153 64.79 -10.05 41.50
CA ALA E 153 63.51 -10.68 41.75
C ALA E 153 62.43 -9.96 40.94
N LEU E 154 61.74 -10.72 40.07
CA LEU E 154 60.67 -10.22 39.23
CA LEU E 154 60.65 -10.24 39.22
C LEU E 154 59.51 -9.72 40.10
N GLN E 155 58.97 -8.54 39.74
CA GLN E 155 57.89 -7.91 40.46
C GLN E 155 56.58 -8.15 39.73
N SER E 156 55.48 -8.16 40.50
CA SER E 156 54.14 -8.37 39.99
C SER E 156 53.13 -7.66 40.90
N GLY E 157 52.16 -6.98 40.28
CA GLY E 157 51.03 -6.37 40.99
C GLY E 157 51.33 -5.00 41.61
N ASN E 158 52.52 -4.44 41.36
CA ASN E 158 52.96 -3.22 42.02
C ASN E 158 53.44 -2.17 41.01
N SER E 159 52.96 -2.25 39.78
CA SER E 159 53.43 -1.38 38.72
C SER E 159 52.30 -1.02 37.77
N GLN E 160 52.38 0.17 37.18
CA GLN E 160 51.44 0.60 36.18
C GLN E 160 52.19 1.26 35.03
N GLU E 161 51.62 1.17 33.83
CA GLU E 161 52.28 1.66 32.63
C GLU E 161 51.24 2.33 31.73
N SER E 162 51.73 3.23 30.86
CA SER E 162 50.93 3.82 29.81
C SER E 162 51.83 4.08 28.60
N VAL E 163 51.19 4.20 27.42
CA VAL E 163 51.88 4.24 26.14
C VAL E 163 51.34 5.46 25.39
N THR E 164 52.22 6.18 24.71
CA THR E 164 51.80 7.30 23.86
C THR E 164 51.11 6.77 22.60
N GLU E 165 50.45 7.67 21.88
CA GLU E 165 49.99 7.41 20.52
C GLU E 165 51.22 7.50 19.60
N GLN E 166 51.10 6.94 18.40
CA GLN E 166 52.18 6.95 17.42
C GLN E 166 52.65 8.38 17.20
N ASP E 167 53.96 8.57 17.33
CA ASP E 167 54.56 9.88 17.17
C ASP E 167 54.22 10.42 15.79
N SER E 168 53.92 11.72 15.72
CA SER E 168 53.48 12.36 14.49
C SER E 168 54.64 12.48 13.49
N LYS E 169 55.87 12.46 14.01
CA LYS E 169 57.05 12.76 13.20
C LYS E 169 57.78 11.49 12.76
N ASP E 170 57.70 10.40 13.54
CA ASP E 170 58.50 9.20 13.25
C ASP E 170 57.71 7.90 13.40
N SER E 171 56.46 7.98 13.89
CA SER E 171 55.52 6.86 13.97
C SER E 171 55.94 5.83 15.02
N THR E 172 56.69 6.27 16.03
CA THR E 172 57.14 5.37 17.08
C THR E 172 56.21 5.50 18.29
N TYR E 173 56.34 4.54 19.21
CA TYR E 173 55.68 4.56 20.49
C TYR E 173 56.71 4.85 21.57
N SER E 174 56.24 5.41 22.69
CA SER E 174 57.01 5.50 23.92
C SER E 174 56.15 4.97 25.07
N LEU E 175 56.81 4.42 26.08
CA LEU E 175 56.13 3.81 27.20
C LEU E 175 56.79 4.26 28.50
N SER E 176 55.95 4.46 29.52
CA SER E 176 56.38 4.79 30.86
C SER E 176 55.78 3.77 31.81
N SER E 177 56.61 3.24 32.70
CA SER E 177 56.12 2.35 33.74
C SER E 177 56.59 2.89 35.09
N THR E 178 55.70 2.80 36.07
CA THR E 178 56.00 3.21 37.43
C THR E 178 55.86 2.03 38.38
N LEU E 179 56.94 1.74 39.11
CA LEU E 179 56.95 0.75 40.17
C LEU E 179 56.76 1.48 41.50
N THR E 180 55.78 1.03 42.29
CA THR E 180 55.45 1.62 43.57
C THR E 180 55.92 0.71 44.71
N LEU E 181 56.78 1.27 45.57
CA LEU E 181 57.18 0.59 46.81
C LEU E 181 56.94 1.52 47.99
N SER E 182 56.88 0.93 49.19
CA SER E 182 57.08 1.67 50.43
C SER E 182 58.54 2.10 50.52
N LYS E 183 58.79 3.18 51.27
CA LYS E 183 60.13 3.63 51.59
C LYS E 183 60.92 2.47 52.20
N ALA E 184 60.30 1.78 53.16
CA ALA E 184 60.94 0.71 53.91
C ALA E 184 61.43 -0.40 52.97
N ASP E 185 60.58 -0.79 52.01
CA ASP E 185 60.94 -1.81 51.03
C ASP E 185 62.06 -1.32 50.13
N TYR E 186 61.97 -0.07 49.69
CA TYR E 186 62.98 0.54 48.83
C TYR E 186 64.36 0.58 49.50
N GLU E 187 64.38 0.88 50.80
CA GLU E 187 65.61 1.02 51.56
C GLU E 187 66.24 -0.34 51.86
N LYS E 188 65.41 -1.40 51.84
CA LYS E 188 65.84 -2.75 52.18
C LYS E 188 66.50 -3.46 50.98
N HIS E 189 66.51 -2.81 49.81
CA HIS E 189 67.05 -3.43 48.60
C HIS E 189 68.03 -2.51 47.89
N LYS E 190 68.90 -3.10 47.05
CA LYS E 190 70.04 -2.40 46.48
C LYS E 190 69.83 -2.13 44.99
N VAL E 191 69.44 -3.16 44.23
CA VAL E 191 69.51 -3.14 42.77
C VAL E 191 68.11 -3.07 42.17
N TYR E 192 67.88 -2.06 41.33
CA TYR E 192 66.59 -1.80 40.72
C TYR E 192 66.75 -1.84 39.20
N ALA E 193 65.87 -2.60 38.54
CA ALA E 193 66.04 -2.93 37.13
C ALA E 193 64.70 -2.99 36.42
N CYS E 194 64.69 -2.44 35.20
CA CYS E 194 63.55 -2.54 34.30
CA CYS E 194 63.54 -2.59 34.31
C CYS E 194 64.00 -3.26 33.02
N GLU E 195 63.24 -4.28 32.62
CA GLU E 195 63.56 -5.17 31.52
C GLU E 195 62.49 -5.09 30.43
N VAL E 196 62.93 -4.82 29.18
CA VAL E 196 62.04 -4.73 28.04
C VAL E 196 62.33 -5.88 27.08
N THR E 197 61.26 -6.57 26.68
CA THR E 197 61.32 -7.70 25.75
C THR E 197 60.52 -7.36 24.51
N GLN E 198 61.18 -7.50 23.35
CA GLN E 198 60.53 -7.55 22.05
C GLN E 198 61.17 -8.68 21.26
N GLY E 199 60.33 -9.64 20.85
CA GLY E 199 60.75 -10.81 20.09
C GLY E 199 61.87 -11.58 20.80
N THR E 200 63.05 -11.60 20.17
CA THR E 200 64.16 -12.42 20.60
C THR E 200 65.11 -11.67 21.53
N THR E 201 64.78 -10.41 21.89
CA THR E 201 65.70 -9.54 22.61
C THR E 201 65.07 -9.04 23.91
N SER E 202 65.87 -9.07 24.98
CA SER E 202 65.56 -8.43 26.25
C SER E 202 66.70 -7.51 26.67
N VAL E 203 66.35 -6.26 26.99
CA VAL E 203 67.29 -5.27 27.47
C VAL E 203 66.87 -4.86 28.88
N THR E 204 67.83 -4.92 29.81
CA THR E 204 67.64 -4.55 31.21
C THR E 204 68.57 -3.39 31.55
N LYS E 205 67.97 -2.25 31.93
CA LYS E 205 68.68 -1.11 32.52
C LYS E 205 68.48 -1.13 34.03
N SER E 206 69.52 -0.74 34.77
CA SER E 206 69.47 -0.85 36.22
C SER E 206 70.21 0.29 36.90
N PHE E 207 70.02 0.40 38.21
CA PHE E 207 70.79 1.27 39.07
C PHE E 207 70.93 0.58 40.43
N ASN E 208 71.99 0.98 41.15
CA ASN E 208 72.27 0.53 42.50
C ASN E 208 71.98 1.71 43.44
N ARG E 209 71.08 1.48 44.41
CA ARG E 209 70.64 2.53 45.33
C ARG E 209 71.82 3.03 46.16
N GLY E 210 72.71 2.11 46.56
CA GLY E 210 73.97 2.45 47.21
C GLY E 210 74.79 3.47 46.42
N GLU E 211 74.97 3.19 45.12
CA GLU E 211 75.50 4.12 44.14
C GLU E 211 74.51 5.28 43.97
N CYS E 212 75.05 6.48 43.69
CA CYS E 212 74.33 7.76 43.63
C CYS E 212 74.83 8.68 44.73
N CYS F 8 -26.49 23.53 15.94
CA CYS F 8 -25.52 22.62 16.61
C CYS F 8 -24.10 23.16 16.44
N PRO F 9 -23.20 22.98 17.44
CA PRO F 9 -21.87 23.58 17.41
C PRO F 9 -20.90 22.83 16.50
N PHE F 10 -21.23 22.83 15.20
CA PHE F 10 -20.41 22.15 14.19
C PHE F 10 -19.15 22.95 13.90
N GLY F 11 -19.25 24.28 14.04
CA GLY F 11 -18.11 25.19 13.86
C GLY F 11 -16.92 24.85 14.75
N GLU F 12 -17.18 24.24 15.92
CA GLU F 12 -16.13 23.97 16.89
C GLU F 12 -15.35 22.72 16.50
N VAL F 13 -16.02 21.79 15.81
CA VAL F 13 -15.40 20.56 15.34
C VAL F 13 -14.66 20.83 14.03
N PHE F 14 -15.33 21.56 13.12
CA PHE F 14 -14.88 21.74 11.75
C PHE F 14 -13.77 22.80 11.64
N ASN F 15 -13.77 23.76 12.57
CA ASN F 15 -12.85 24.90 12.49
C ASN F 15 -11.79 24.84 13.59
N ALA F 16 -11.76 23.72 14.32
CA ALA F 16 -10.74 23.45 15.33
C ALA F 16 -9.34 23.65 14.73
N THR F 17 -8.46 24.27 15.52
CA THR F 17 -7.11 24.61 15.09
C THR F 17 -6.26 23.35 15.00
N ARG F 18 -6.30 22.53 16.06
CA ARG F 18 -5.53 21.29 16.13
C ARG F 18 -6.46 20.11 15.88
N PHE F 19 -6.13 19.33 14.83
CA PHE F 19 -6.82 18.08 14.52
C PHE F 19 -5.96 16.90 14.94
N ALA F 20 -6.62 15.79 15.29
CA ALA F 20 -5.99 14.60 15.85
C ALA F 20 -5.30 13.78 14.76
N SER F 21 -4.35 12.94 15.19
CA SER F 21 -3.80 11.86 14.39
C SER F 21 -4.85 10.76 14.26
N VAL F 22 -4.89 10.11 13.09
CA VAL F 22 -5.92 9.13 12.78
C VAL F 22 -5.88 7.94 13.73
N TYR F 23 -4.68 7.53 14.18
CA TYR F 23 -4.57 6.41 15.11
C TYR F 23 -5.18 6.80 16.46
N ALA F 24 -5.11 8.10 16.79
CA ALA F 24 -5.60 8.65 18.04
C ALA F 24 -6.72 9.64 17.74
N TRP F 25 -7.73 9.16 16.99
CA TRP F 25 -8.82 9.99 16.49
C TRP F 25 -9.65 10.53 17.64
N ASN F 26 -10.02 11.81 17.51
CA ASN F 26 -10.76 12.58 18.47
C ASN F 26 -12.26 12.38 18.25
N ARG F 27 -12.99 12.13 19.35
CA ARG F 27 -14.44 12.04 19.36
C ARG F 27 -15.00 13.22 20.15
N LYS F 28 -15.95 13.93 19.54
CA LYS F 28 -16.73 14.96 20.22
C LYS F 28 -18.20 14.57 20.15
N ARG F 29 -18.92 14.76 21.28
CA ARG F 29 -20.35 14.49 21.34
C ARG F 29 -21.12 15.78 21.05
N ILE F 30 -22.23 15.64 20.31
CA ILE F 30 -23.14 16.74 20.03
C ILE F 30 -24.54 16.32 20.47
N SER F 31 -25.19 17.22 21.22
CA SER F 31 -26.54 17.00 21.77
C SER F 31 -27.28 18.33 21.88
N ASN F 32 -28.62 18.23 21.96
CA ASN F 32 -29.54 19.29 22.36
C ASN F 32 -29.40 20.53 21.48
N CYS F 33 -29.63 20.35 20.17
CA CYS F 33 -29.55 21.45 19.21
C CYS F 33 -30.13 21.05 17.86
N VAL F 34 -30.42 22.06 17.03
CA VAL F 34 -30.92 21.91 15.67
C VAL F 34 -29.75 21.97 14.70
N ALA F 35 -29.65 20.93 13.85
CA ALA F 35 -28.54 20.76 12.92
C ALA F 35 -29.05 20.67 11.49
N ASP F 36 -28.98 21.81 10.77
CA ASP F 36 -29.28 21.85 9.35
C ASP F 36 -28.04 21.44 8.58
N TYR F 37 -28.09 20.24 7.99
CA TYR F 37 -26.99 19.64 7.26
C TYR F 37 -26.85 20.26 5.89
N SER F 38 -27.92 20.94 5.43
CA SER F 38 -27.91 21.75 4.22
C SER F 38 -27.10 23.04 4.46
N VAL F 39 -27.23 23.60 5.67
CA VAL F 39 -26.43 24.74 6.10
C VAL F 39 -24.96 24.31 6.18
N LEU F 40 -24.73 23.11 6.73
CA LEU F 40 -23.40 22.54 6.91
C LEU F 40 -22.79 22.19 5.56
N TYR F 41 -23.61 21.67 4.64
CA TYR F 41 -23.21 21.36 3.27
C TYR F 41 -22.63 22.61 2.60
N ASN F 42 -23.37 23.73 2.72
CA ASN F 42 -23.04 24.96 2.02
C ASN F 42 -22.09 25.83 2.85
N SER F 43 -21.64 25.31 4.01
CA SER F 43 -20.78 26.04 4.93
C SER F 43 -19.38 26.26 4.35
N ALA F 44 -18.83 25.23 3.70
CA ALA F 44 -17.51 25.29 3.11
C ALA F 44 -17.46 24.51 1.79
N SER F 45 -16.35 24.65 1.07
CA SER F 45 -16.08 23.87 -0.14
C SER F 45 -15.38 22.56 0.24
N PHE F 46 -16.18 21.57 0.66
CA PHE F 46 -15.70 20.26 1.03
C PHE F 46 -15.52 19.42 -0.23
N SER F 47 -14.48 18.56 -0.22
CA SER F 47 -14.20 17.68 -1.36
C SER F 47 -14.95 16.35 -1.21
N THR F 48 -15.45 16.07 0.00
CA THR F 48 -16.25 14.89 0.28
C THR F 48 -17.39 15.26 1.24
N PHE F 49 -18.63 15.02 0.79
CA PHE F 49 -19.80 15.07 1.65
C PHE F 49 -20.72 13.93 1.23
N LYS F 50 -20.62 12.82 1.97
CA LYS F 50 -21.29 11.57 1.62
C LYS F 50 -22.01 11.01 2.84
N CYS F 51 -23.30 10.72 2.67
CA CYS F 51 -24.12 10.21 3.76
C CYS F 51 -24.53 8.76 3.49
N TYR F 52 -24.52 7.97 4.56
CA TYR F 52 -24.79 6.54 4.51
C TYR F 52 -25.94 6.22 5.47
N GLY F 53 -26.82 5.31 5.01
CA GLY F 53 -27.82 4.66 5.85
C GLY F 53 -29.00 5.56 6.20
N VAL F 54 -29.09 6.73 5.55
CA VAL F 54 -30.18 7.68 5.80
C VAL F 54 -30.50 8.41 4.50
N SER F 55 -31.80 8.61 4.25
CA SER F 55 -32.33 9.34 3.10
C SER F 55 -31.86 10.80 3.15
N PRO F 56 -31.56 11.44 1.99
CA PRO F 56 -30.69 12.62 1.93
C PRO F 56 -31.04 13.83 2.82
N THR F 57 -32.03 14.62 2.41
CA THR F 57 -32.37 15.87 3.09
C THR F 57 -33.43 15.63 4.17
N LYS F 58 -33.72 14.35 4.44
CA LYS F 58 -34.59 13.91 5.50
C LYS F 58 -33.85 13.94 6.83
N LEU F 59 -32.55 14.27 6.77
CA LEU F 59 -31.68 14.38 7.93
C LEU F 59 -32.05 15.62 8.75
N ASN F 60 -32.70 16.60 8.11
CA ASN F 60 -33.25 17.76 8.80
C ASN F 60 -34.76 17.58 9.00
N ASP F 61 -35.17 16.31 9.19
CA ASP F 61 -36.55 15.93 9.45
C ASP F 61 -36.59 14.74 10.42
N LEU F 62 -35.45 14.45 11.05
CA LEU F 62 -35.26 13.24 11.83
C LEU F 62 -34.55 13.58 13.15
N CYS F 63 -34.80 12.76 14.18
CA CYS F 63 -34.32 12.99 15.54
C CYS F 63 -33.46 11.83 16.02
N PHE F 64 -32.39 12.16 16.76
CA PHE F 64 -31.44 11.17 17.23
C PHE F 64 -31.12 11.37 18.71
N THR F 65 -30.76 10.26 19.36
CA THR F 65 -30.39 10.21 20.77
C THR F 65 -29.10 10.98 21.01
N ASN F 66 -28.15 10.89 20.06
CA ASN F 66 -26.87 11.60 20.09
C ASN F 66 -26.19 11.56 18.72
N VAL F 67 -25.45 12.63 18.42
CA VAL F 67 -24.60 12.71 17.24
C VAL F 67 -23.14 12.79 17.69
N TYR F 68 -22.36 11.76 17.33
CA TYR F 68 -20.93 11.74 17.59
C TYR F 68 -20.19 12.26 16.36
N ALA F 69 -19.21 13.15 16.59
CA ALA F 69 -18.36 13.67 15.54
C ALA F 69 -16.91 13.23 15.77
N ASP F 70 -16.40 12.38 14.88
CA ASP F 70 -15.02 11.90 14.92
C ASP F 70 -14.20 12.70 13.91
N SER F 71 -12.95 13.02 14.28
CA SER F 71 -12.10 13.90 13.50
C SER F 71 -10.63 13.49 13.62
N PHE F 72 -9.90 13.70 12.51
CA PHE F 72 -8.53 13.26 12.31
C PHE F 72 -8.01 13.77 10.97
N VAL F 73 -6.72 13.51 10.70
CA VAL F 73 -6.07 13.87 9.44
C VAL F 73 -5.47 12.61 8.80
N ILE F 74 -5.70 12.47 7.49
CA ILE F 74 -5.09 11.45 6.65
C ILE F 74 -4.67 12.13 5.34
N ARG F 75 -4.03 11.37 4.44
CA ARG F 75 -3.71 11.89 3.12
C ARG F 75 -4.91 11.69 2.19
N GLY F 76 -4.84 12.32 1.02
CA GLY F 76 -5.92 12.40 0.04
C GLY F 76 -6.40 11.05 -0.45
N ASP F 77 -5.47 10.17 -0.85
CA ASP F 77 -5.86 8.90 -1.46
C ASP F 77 -6.32 7.89 -0.40
N GLU F 78 -6.48 8.34 0.84
CA GLU F 78 -6.95 7.50 1.93
C GLU F 78 -8.38 7.85 2.33
N VAL F 79 -8.91 8.97 1.82
CA VAL F 79 -10.26 9.42 2.13
C VAL F 79 -11.26 8.32 1.78
N ARG F 80 -11.04 7.66 0.63
CA ARG F 80 -11.87 6.59 0.12
C ARG F 80 -12.07 5.48 1.15
N GLN F 81 -11.13 5.35 2.10
CA GLN F 81 -11.14 4.28 3.10
C GLN F 81 -12.14 4.60 4.21
N ILE F 82 -12.53 5.88 4.33
CA ILE F 82 -13.50 6.27 5.33
C ILE F 82 -14.91 6.12 4.74
N ALA F 83 -15.27 4.85 4.52
CA ALA F 83 -16.55 4.41 3.98
C ALA F 83 -16.81 3.01 4.54
N PRO F 84 -18.08 2.53 4.61
CA PRO F 84 -18.35 1.15 5.02
C PRO F 84 -17.80 0.18 3.99
N GLY F 85 -17.34 -0.99 4.45
CA GLY F 85 -16.90 -2.05 3.55
C GLY F 85 -15.52 -1.82 2.96
N GLN F 86 -14.77 -0.86 3.54
CA GLN F 86 -13.47 -0.49 2.99
C GLN F 86 -12.37 -1.31 3.66
N THR F 87 -11.21 -1.39 2.98
CA THR F 87 -10.01 -2.01 3.51
C THR F 87 -8.79 -1.14 3.18
N GLY F 88 -7.65 -1.51 3.76
CA GLY F 88 -6.42 -0.72 3.69
C GLY F 88 -5.98 -0.30 5.08
N LYS F 89 -4.78 0.31 5.15
CA LYS F 89 -4.12 0.59 6.41
C LYS F 89 -5.02 1.37 7.37
N ILE F 90 -5.77 2.36 6.84
CA ILE F 90 -6.59 3.23 7.67
C ILE F 90 -7.82 2.48 8.18
N ALA F 91 -8.53 1.78 7.30
CA ALA F 91 -9.77 1.10 7.66
C ALA F 91 -9.47 -0.10 8.57
N ASP F 92 -8.37 -0.79 8.29
CA ASP F 92 -8.01 -1.99 9.04
C ASP F 92 -7.45 -1.63 10.42
N TYR F 93 -6.61 -0.59 10.50
CA TYR F 93 -5.76 -0.42 11.68
C TYR F 93 -5.98 0.92 12.40
N ASN F 94 -6.67 1.88 11.76
CA ASN F 94 -6.72 3.24 12.27
C ASN F 94 -8.14 3.64 12.69
N TYR F 95 -9.07 3.61 11.72
CA TYR F 95 -10.44 4.01 11.97
C TYR F 95 -11.36 3.19 11.07
N LYS F 96 -12.27 2.44 11.71
CA LYS F 96 -13.17 1.52 11.03
C LYS F 96 -14.61 1.98 11.22
N LEU F 97 -15.34 2.06 10.10
CA LEU F 97 -16.76 2.33 10.07
C LEU F 97 -17.50 0.98 10.04
N PRO F 98 -18.70 0.87 10.64
CA PRO F 98 -19.47 -0.38 10.58
C PRO F 98 -20.01 -0.65 9.18
N ASP F 99 -20.36 -1.92 8.93
CA ASP F 99 -20.92 -2.38 7.67
C ASP F 99 -22.22 -1.65 7.36
N ASP F 100 -23.04 -1.40 8.40
CA ASP F 100 -24.35 -0.79 8.23
C ASP F 100 -24.35 0.65 8.78
N PHE F 101 -23.31 1.41 8.42
CA PHE F 101 -23.06 2.75 8.95
C PHE F 101 -24.23 3.70 8.65
N THR F 102 -24.62 4.46 9.68
CA THR F 102 -25.61 5.53 9.57
C THR F 102 -24.95 6.84 10.00
N GLY F 103 -24.61 7.66 9.00
CA GLY F 103 -24.03 8.98 9.24
C GLY F 103 -23.41 9.55 7.98
N CYS F 104 -22.61 10.61 8.15
CA CYS F 104 -22.00 11.30 7.02
C CYS F 104 -20.49 11.41 7.23
N VAL F 105 -19.77 11.35 6.11
CA VAL F 105 -18.32 11.47 6.07
C VAL F 105 -18.00 12.74 5.29
N ILE F 106 -17.29 13.65 5.96
CA ILE F 106 -16.97 14.95 5.40
C ILE F 106 -15.45 15.14 5.49
N ALA F 107 -14.87 15.67 4.40
CA ALA F 107 -13.43 15.85 4.28
C ALA F 107 -13.11 17.01 3.34
N TRP F 108 -11.97 17.67 3.60
CA TRP F 108 -11.49 18.79 2.79
C TRP F 108 -9.96 18.88 2.87
N ASN F 109 -9.38 19.47 1.82
CA ASN F 109 -7.94 19.64 1.65
C ASN F 109 -7.44 20.64 2.69
N SER F 110 -6.44 20.21 3.47
CA SER F 110 -5.90 21.00 4.57
C SER F 110 -4.42 21.29 4.36
N ASN F 111 -4.01 21.39 3.08
CA ASN F 111 -2.62 21.52 2.69
C ASN F 111 -2.01 22.79 3.29
N ASN F 112 -2.66 23.94 3.05
CA ASN F 112 -2.17 25.23 3.51
C ASN F 112 -2.47 25.41 5.00
N LEU F 113 -2.51 24.29 5.74
CA LEU F 113 -2.75 24.28 7.18
C LEU F 113 -1.84 23.26 7.84
N ASP F 114 -1.57 22.14 7.15
CA ASP F 114 -0.95 20.97 7.77
C ASP F 114 0.35 20.57 7.07
N SER F 115 0.69 21.24 5.95
CA SER F 115 1.93 21.00 5.25
C SER F 115 2.96 22.09 5.59
N LYS F 116 4.16 21.64 6.01
CA LYS F 116 5.31 22.51 6.18
C LYS F 116 6.38 22.15 5.17
N VAL F 117 7.13 23.16 4.70
CA VAL F 117 8.32 22.95 3.90
C VAL F 117 9.37 22.30 4.80
N GLY F 118 9.87 21.13 4.37
CA GLY F 118 10.73 20.29 5.19
C GLY F 118 9.94 19.25 5.98
N GLY F 119 8.62 19.18 5.70
CA GLY F 119 7.77 18.11 6.18
C GLY F 119 7.22 18.37 7.59
N ASN F 120 5.90 18.15 7.74
CA ASN F 120 5.23 18.13 9.03
C ASN F 120 5.02 16.68 9.43
N TYR F 121 5.83 16.23 10.39
CA TYR F 121 5.91 14.83 10.78
C TYR F 121 5.10 14.59 12.06
N ASN F 122 4.13 15.48 12.30
CA ASN F 122 3.36 15.48 13.54
C ASN F 122 2.19 14.50 13.50
N TYR F 123 1.69 14.21 12.29
CA TYR F 123 0.53 13.35 12.11
C TYR F 123 1.00 11.91 11.85
N LEU F 124 0.49 10.97 12.66
CA LEU F 124 0.92 9.58 12.62
C LEU F 124 -0.24 8.67 12.19
N TYR F 125 0.10 7.52 11.59
CA TYR F 125 -0.84 6.46 11.29
C TYR F 125 -0.24 5.11 11.65
N ARG F 126 -1.11 4.16 12.05
CA ARG F 126 -0.71 2.80 12.40
C ARG F 126 -0.53 1.96 11.13
N LEU F 127 0.61 1.27 11.04
CA LEU F 127 1.02 0.52 9.87
C LEU F 127 0.79 -0.99 10.08
N PHE F 128 0.87 -1.43 11.34
CA PHE F 128 0.85 -2.85 11.67
C PHE F 128 -0.07 -3.08 12.86
N ARG F 129 -0.70 -4.25 12.88
CA ARG F 129 -1.55 -4.70 13.98
C ARG F 129 -1.77 -6.20 13.82
N LYS F 130 -2.02 -6.88 14.96
CA LYS F 130 -2.22 -8.32 14.99
C LYS F 130 -3.52 -8.69 14.26
N SER F 131 -4.55 -7.85 14.42
CA SER F 131 -5.83 -8.01 13.73
C SER F 131 -6.43 -6.65 13.40
N ASN F 132 -7.50 -6.67 12.59
CA ASN F 132 -8.21 -5.47 12.17
C ASN F 132 -9.06 -4.95 13.32
N LEU F 133 -9.20 -3.62 13.39
CA LEU F 133 -10.09 -2.95 14.33
C LEU F 133 -11.54 -3.38 14.09
N LYS F 134 -12.29 -3.52 15.18
CA LYS F 134 -13.75 -3.52 15.19
C LYS F 134 -14.24 -2.09 14.91
N PRO F 135 -15.48 -1.89 14.40
CA PRO F 135 -15.98 -0.54 14.14
C PRO F 135 -15.94 0.38 15.36
N PHE F 136 -15.46 1.62 15.14
CA PHE F 136 -15.33 2.68 16.13
C PHE F 136 -14.31 2.34 17.23
N GLU F 137 -13.47 1.31 17.00
CA GLU F 137 -12.44 0.92 17.95
C GLU F 137 -11.24 1.84 17.81
N ARG F 138 -10.56 2.10 18.94
CA ARG F 138 -9.44 3.01 19.01
C ARG F 138 -8.22 2.28 19.55
N ASP F 139 -7.08 2.44 18.89
CA ASP F 139 -5.83 1.81 19.28
C ASP F 139 -4.74 2.86 19.32
N ILE F 140 -4.22 3.13 20.53
CA ILE F 140 -3.18 4.12 20.74
C ILE F 140 -1.94 3.49 21.37
N SER F 141 -1.94 2.15 21.48
CA SER F 141 -0.81 1.40 22.01
C SER F 141 0.40 1.53 21.10
N THR F 142 1.59 1.38 21.70
CA THR F 142 2.84 1.73 21.05
C THR F 142 3.81 0.54 21.06
N GLU F 143 3.30 -0.65 21.42
CA GLU F 143 4.06 -1.89 21.52
C GLU F 143 4.66 -2.25 20.16
N ILE F 144 5.89 -2.80 20.19
CA ILE F 144 6.62 -3.19 19.00
C ILE F 144 5.90 -4.35 18.32
N TYR F 145 5.76 -4.27 17.00
CA TYR F 145 5.06 -5.32 16.28
C TYR F 145 5.99 -6.51 16.03
N GLN F 146 5.67 -7.62 16.70
CA GLN F 146 6.39 -8.88 16.54
C GLN F 146 5.85 -9.63 15.33
N ALA F 147 6.65 -9.69 14.26
CA ALA F 147 6.29 -10.34 13.01
C ALA F 147 6.85 -11.75 12.95
N GLY F 148 7.73 -12.09 13.91
CA GLY F 148 8.46 -13.36 13.89
C GLY F 148 8.27 -14.18 15.15
N SER F 149 9.15 -15.17 15.32
CA SER F 149 9.14 -16.07 16.47
C SER F 149 9.91 -15.44 17.64
N THR F 150 10.99 -14.72 17.32
CA THR F 150 11.86 -14.09 18.30
C THR F 150 11.15 -12.88 18.90
N PRO F 151 11.04 -12.78 20.26
CA PRO F 151 10.37 -11.65 20.90
C PRO F 151 11.16 -10.35 20.80
N CYS F 152 10.43 -9.23 20.74
CA CYS F 152 11.02 -7.91 20.64
C CYS F 152 10.96 -7.25 22.01
N ASN F 153 12.14 -7.04 22.62
CA ASN F 153 12.25 -6.53 23.97
C ASN F 153 12.12 -5.01 23.97
N GLY F 154 11.01 -4.52 23.41
CA GLY F 154 10.68 -3.10 23.39
C GLY F 154 11.47 -2.32 22.34
N VAL F 155 12.28 -3.03 21.53
CA VAL F 155 13.19 -2.38 20.59
C VAL F 155 12.92 -2.93 19.18
N GLU F 156 12.71 -2.00 18.24
CA GLU F 156 12.63 -2.32 16.82
C GLU F 156 13.97 -2.88 16.34
N GLY F 157 13.87 -3.94 15.54
CA GLY F 157 14.99 -4.61 14.89
C GLY F 157 14.49 -5.48 13.74
N PHE F 158 15.14 -6.64 13.57
CA PHE F 158 14.69 -7.64 12.62
C PHE F 158 13.39 -8.27 13.12
N ASN F 159 12.37 -8.24 12.24
CA ASN F 159 11.06 -8.84 12.48
C ASN F 159 10.37 -8.16 13.65
N CYS F 160 10.78 -6.92 13.92
CA CYS F 160 10.32 -6.14 15.06
C CYS F 160 10.14 -4.71 14.58
N TYR F 161 8.89 -4.38 14.27
CA TYR F 161 8.56 -3.16 13.55
C TYR F 161 7.93 -2.16 14.49
N PHE F 162 8.35 -0.89 14.37
CA PHE F 162 7.67 0.19 15.04
C PHE F 162 6.30 0.39 14.40
N PRO F 163 5.20 0.36 15.19
CA PRO F 163 3.85 0.19 14.64
C PRO F 163 3.27 1.44 13.99
N LEU F 164 3.87 2.60 14.28
CA LEU F 164 3.34 3.87 13.81
C LEU F 164 4.36 4.52 12.87
N GLN F 165 3.87 5.44 12.04
CA GLN F 165 4.71 6.18 11.11
C GLN F 165 4.06 7.54 10.83
N SER F 166 4.91 8.54 10.57
CA SER F 166 4.49 9.90 10.26
C SER F 166 4.28 10.04 8.75
N TYR F 167 3.31 10.91 8.39
CA TYR F 167 2.98 11.20 7.01
C TYR F 167 4.03 12.11 6.38
N GLY F 168 4.52 13.08 7.17
CA GLY F 168 5.41 14.10 6.66
C GLY F 168 4.84 14.83 5.46
N PHE F 169 3.83 15.69 5.72
CA PHE F 169 3.11 16.42 4.68
C PHE F 169 3.97 17.60 4.22
N GLN F 170 4.04 17.77 2.89
CA GLN F 170 4.81 18.83 2.25
C GLN F 170 3.96 19.52 1.19
N PRO F 171 4.12 20.85 0.96
CA PRO F 171 3.23 21.62 0.09
C PRO F 171 3.24 21.26 -1.40
N THR F 172 4.35 20.72 -1.90
CA THR F 172 4.48 20.37 -3.30
C THR F 172 4.13 18.90 -3.55
N ASN F 173 3.67 18.20 -2.49
CA ASN F 173 3.12 16.86 -2.59
C ASN F 173 1.96 16.84 -3.57
N GLY F 174 1.82 15.73 -4.30
CA GLY F 174 0.64 15.44 -5.09
C GLY F 174 -0.62 15.42 -4.22
N VAL F 175 -1.76 15.72 -4.85
CA VAL F 175 -3.05 15.86 -4.18
C VAL F 175 -3.33 14.64 -3.29
N GLY F 176 -3.04 13.44 -3.82
CA GLY F 176 -3.23 12.18 -3.13
C GLY F 176 -2.43 12.05 -1.83
N TYR F 177 -1.31 12.78 -1.74
CA TYR F 177 -0.41 12.68 -0.59
C TYR F 177 -0.57 13.90 0.32
N GLN F 178 -1.24 14.94 -0.18
CA GLN F 178 -1.54 16.15 0.57
C GLN F 178 -2.51 15.82 1.72
N PRO F 179 -2.44 16.55 2.88
CA PRO F 179 -3.27 16.22 4.03
C PRO F 179 -4.73 16.67 3.84
N TYR F 180 -5.62 15.95 4.51
CA TYR F 180 -7.06 16.18 4.45
C TYR F 180 -7.64 15.96 5.84
N ARG F 181 -8.31 17.00 6.37
CA ARG F 181 -9.06 16.88 7.61
C ARG F 181 -10.36 16.15 7.31
N VAL F 182 -10.74 15.23 8.21
CA VAL F 182 -11.92 14.40 8.03
C VAL F 182 -12.80 14.52 9.27
N VAL F 183 -14.10 14.75 9.04
CA VAL F 183 -15.11 14.67 10.09
C VAL F 183 -16.11 13.58 9.71
N VAL F 184 -16.35 12.67 10.66
CA VAL F 184 -17.33 11.61 10.52
C VAL F 184 -18.42 11.87 11.55
N LEU F 185 -19.63 12.22 11.08
CA LEU F 185 -20.80 12.33 11.94
C LEU F 185 -21.51 10.98 11.94
N SER F 186 -21.59 10.36 13.11
CA SER F 186 -22.40 9.16 13.28
C SER F 186 -23.64 9.49 14.10
N PHE F 187 -24.77 8.92 13.69
CA PHE F 187 -26.05 9.15 14.34
C PHE F 187 -26.45 7.92 15.14
N GLU F 188 -26.72 8.13 16.43
CA GLU F 188 -27.14 7.06 17.33
C GLU F 188 -28.64 7.16 17.59
N LEU F 189 -29.28 6.00 17.78
CA LEU F 189 -30.69 5.91 18.09
C LEU F 189 -30.91 4.83 19.15
N LEU F 190 -31.00 5.27 20.41
CA LEU F 190 -31.17 4.40 21.56
C LEU F 190 -32.58 4.57 22.11
N HIS F 191 -33.00 3.61 22.96
CA HIS F 191 -34.32 3.60 23.59
C HIS F 191 -34.33 4.55 24.79
N ALA F 192 -34.26 5.85 24.49
CA ALA F 192 -34.06 6.94 25.44
C ALA F 192 -34.52 8.25 24.79
N PRO F 193 -34.55 9.41 25.50
CA PRO F 193 -34.89 10.69 24.88
C PRO F 193 -33.91 11.17 23.83
N ALA F 194 -34.45 11.60 22.68
CA ALA F 194 -33.69 12.13 21.56
C ALA F 194 -33.38 13.61 21.82
N THR F 195 -32.13 13.99 21.56
CA THR F 195 -31.62 15.32 21.86
C THR F 195 -31.42 16.13 20.58
N VAL F 196 -30.95 15.47 19.52
CA VAL F 196 -30.50 16.15 18.31
C VAL F 196 -31.54 15.93 17.22
N CYS F 197 -32.11 17.04 16.72
CA CYS F 197 -33.13 17.02 15.69
C CYS F 197 -32.80 18.06 14.63
N GLY F 198 -33.39 17.90 13.43
CA GLY F 198 -33.18 18.81 12.33
C GLY F 198 -34.45 19.55 11.95
#